data_6FM1
#
_entry.id   6FM1
#
_cell.length_a   90.260
_cell.length_b   90.260
_cell.length_c   188.440
_cell.angle_alpha   90.00
_cell.angle_beta   90.00
_cell.angle_gamma   90.00
#
_symmetry.space_group_name_H-M   'P 41 21 2'
#
loop_
_entity.id
_entity.type
_entity.pdbx_description
1 polymer 'Adenylosuccinate synthetase'
2 non-polymer "ADENOSINE-5'-TRIPHOSPHATE"
3 non-polymer "2'-DEOXYGUANOSINE-5'-MONOPHOSPHATE"
4 non-polymer 'MAGNESIUM ION'
5 non-polymer 'CHLORIDE ION'
6 non-polymer GLYCEROL
7 water water
#
_entity_poly.entity_id   1
_entity_poly.type   'polypeptide(L)'
_entity_poly.pdbx_seq_one_letter_code
;MGSSHHHHHHSSGLVPRGSHMKNVDLVIDLQFGSTGKGLIAGYLAEKNGYDTVINANMPNAGHTYINAEGRKWMHKVLPN
GIVSPNLKRVMLGAGSVFSINRLMEEIEMSKDLLHDKVAILIHPMATVLDEEAHKKAEVGIATSIGSTGQGSMAAMVEKL
QRDPTNNTIVARDVAQYDGRIAQYVCTVEEWDMALMASERILAEGAQGFSLSLNQEFYPYCTSRDCTPARFLADMGIPLP
MLNKVIGTARCHPIRVGGTSGGHYPDQEELTWEQLGQVPELTTVTKKVRRVFSFSFIQMQKAMWTCQPDEVFLNFCNYLS
PMGWQDIVHQIEVAAQSRYCDAEVKYLGFGPTFNDVELREDVM
;
_entity_poly.pdbx_strand_id   A,B
#
loop_
_chem_comp.id
_chem_comp.type
_chem_comp.name
_chem_comp.formula
ATP non-polymer ADENOSINE-5'-TRIPHOSPHATE 'C10 H16 N5 O13 P3'
CL non-polymer 'CHLORIDE ION' 'Cl -1'
DGP non-polymer 2'-DEOXYGUANOSINE-5'-MONOPHOSPHATE 'C10 H14 N5 O7 P'
GOL non-polymer GLYCEROL 'C3 H8 O3'
MG non-polymer 'MAGNESIUM ION' 'Mg 2'
#
# COMPACT_ATOMS: atom_id res chain seq x y z
N MET A 21 9.86 0.72 -18.70
CA MET A 21 9.55 1.56 -17.56
C MET A 21 10.15 1.02 -16.28
N LYS A 22 10.53 -0.29 -16.26
CA LYS A 22 11.11 -0.99 -15.11
C LYS A 22 12.47 -0.41 -14.77
N ASN A 23 12.52 0.51 -13.82
CA ASN A 23 13.77 1.17 -13.45
C ASN A 23 13.92 1.37 -11.96
N VAL A 24 12.94 0.91 -11.17
CA VAL A 24 12.97 1.01 -9.71
C VAL A 24 13.54 -0.27 -9.07
N ASP A 25 14.60 -0.09 -8.25
CA ASP A 25 15.20 -1.16 -7.47
C ASP A 25 14.74 -0.87 -6.08
N LEU A 26 13.86 -1.72 -5.56
CA LEU A 26 13.28 -1.55 -4.25
C LEU A 26 13.96 -2.44 -3.22
N VAL A 27 14.47 -1.81 -2.16
CA VAL A 27 15.13 -2.48 -1.04
C VAL A 27 14.06 -2.69 0.03
N ILE A 28 13.80 -3.96 0.40
CA ILE A 28 12.83 -4.31 1.44
C ILE A 28 13.52 -5.19 2.48
N ASP A 29 12.99 -5.25 3.69
CA ASP A 29 13.55 -6.05 4.75
C ASP A 29 12.68 -7.28 4.89
N LEU A 30 13.30 -8.46 4.94
CA LEU A 30 12.60 -9.75 4.99
C LEU A 30 12.30 -10.24 6.40
N GLN A 31 12.81 -9.54 7.43
CA GLN A 31 12.59 -10.00 8.80
C GLN A 31 11.87 -8.97 9.65
N PHE A 32 12.39 -8.63 10.83
CA PHE A 32 11.77 -7.66 11.75
C PHE A 32 12.50 -6.30 11.78
N GLY A 33 13.15 -5.92 10.69
CA GLY A 33 13.87 -4.65 10.63
C GLY A 33 15.33 -4.77 11.03
N SER A 34 16.06 -3.66 10.88
CA SER A 34 17.49 -3.49 11.19
C SER A 34 18.38 -4.63 10.64
N THR A 35 18.12 -5.01 9.38
CA THR A 35 18.88 -6.06 8.69
C THR A 35 20.05 -5.50 7.89
N GLY A 36 20.10 -4.17 7.75
CA GLY A 36 21.15 -3.49 7.03
C GLY A 36 20.71 -2.95 5.68
N LYS A 37 19.47 -2.50 5.61
CA LYS A 37 18.94 -1.89 4.39
C LYS A 37 19.72 -0.64 4.02
N GLY A 38 20.05 0.19 5.03
CA GLY A 38 20.80 1.42 4.85
C GLY A 38 22.11 1.20 4.14
N LEU A 39 22.74 0.08 4.47
CA LEU A 39 23.99 -0.38 3.92
C LEU A 39 23.82 -0.83 2.48
N ILE A 40 22.84 -1.70 2.21
CA ILE A 40 22.67 -2.17 0.83
C ILE A 40 22.18 -1.02 -0.07
N ALA A 41 21.38 -0.10 0.47
CA ALA A 41 20.88 1.09 -0.21
C ALA A 41 22.06 1.98 -0.65
N GLY A 42 22.96 2.28 0.27
CA GLY A 42 24.14 3.10 -0.01
C GLY A 42 25.12 2.38 -0.92
N TYR A 43 25.30 1.07 -0.71
CA TYR A 43 26.16 0.23 -1.52
C TYR A 43 25.65 0.19 -2.97
N LEU A 44 24.35 -0.11 -3.17
CA LEU A 44 23.73 -0.16 -4.50
C LEU A 44 23.69 1.21 -5.15
N ALA A 45 23.50 2.28 -4.36
CA ALA A 45 23.51 3.66 -4.86
C ALA A 45 24.87 4.00 -5.47
N GLU A 46 25.94 3.57 -4.80
CA GLU A 46 27.30 3.78 -5.26
C GLU A 46 27.64 2.90 -6.46
N LYS A 47 27.17 1.65 -6.43
CA LYS A 47 27.40 0.70 -7.53
C LYS A 47 26.59 0.99 -8.79
N ASN A 48 25.33 1.38 -8.64
CA ASN A 48 24.40 1.51 -9.75
C ASN A 48 24.15 2.91 -10.24
N GLY A 49 24.55 3.90 -9.46
CA GLY A 49 24.46 5.30 -9.82
C GLY A 49 23.07 5.78 -10.16
N TYR A 50 22.07 5.44 -9.33
CA TYR A 50 20.70 5.89 -9.54
C TYR A 50 20.67 7.43 -9.54
N ASP A 51 19.88 8.00 -10.44
CA ASP A 51 19.73 9.45 -10.47
C ASP A 51 18.63 9.84 -9.49
N THR A 52 17.73 8.89 -9.19
CA THR A 52 16.65 9.10 -8.27
C THR A 52 16.70 8.11 -7.14
N VAL A 53 16.68 8.64 -5.92
CA VAL A 53 16.58 7.84 -4.72
C VAL A 53 15.29 8.28 -4.03
N ILE A 54 14.51 7.30 -3.59
CA ILE A 54 13.18 7.56 -3.05
C ILE A 54 12.91 6.71 -1.83
N ASN A 55 12.13 7.24 -0.89
CA ASN A 55 11.70 6.49 0.29
C ASN A 55 10.38 7.02 0.81
N ALA A 56 9.85 6.39 1.85
CA ALA A 56 8.62 6.79 2.51
C ALA A 56 8.82 6.38 3.96
N ASN A 57 9.85 6.93 4.55
CA ASN A 57 10.26 6.65 5.92
C ASN A 57 9.46 7.39 6.92
N MET A 58 9.33 6.74 8.07
CA MET A 58 8.71 7.31 9.23
C MET A 58 9.81 7.38 10.30
N PRO A 59 9.65 8.16 11.41
CA PRO A 59 10.78 8.31 12.34
C PRO A 59 11.18 7.05 13.11
N ASN A 60 10.40 5.95 13.00
CA ASN A 60 10.68 4.67 13.67
C ASN A 60 11.88 3.96 13.04
N ALA A 61 12.25 4.41 11.83
CA ALA A 61 13.28 3.84 11.00
C ALA A 61 14.49 4.73 10.85
N GLY A 62 15.62 4.18 11.26
CA GLY A 62 16.95 4.76 11.20
C GLY A 62 17.79 3.82 10.38
N HIS A 63 18.36 4.32 9.28
CA HIS A 63 19.13 3.51 8.35
C HIS A 63 20.52 4.02 8.27
N THR A 64 21.46 3.10 8.45
CA THR A 64 22.86 3.45 8.50
C THR A 64 23.62 2.98 7.29
N TYR A 65 24.34 3.92 6.68
CA TYR A 65 25.26 3.59 5.62
C TYR A 65 26.61 4.14 5.98
N ILE A 66 27.65 3.32 5.85
CA ILE A 66 29.04 3.72 6.06
C ILE A 66 29.74 3.39 4.74
N ASN A 67 30.37 4.36 4.11
CA ASN A 67 31.06 4.14 2.84
C ASN A 67 32.47 3.58 3.06
N ALA A 68 33.24 3.36 1.97
CA ALA A 68 34.61 2.85 2.02
C ALA A 68 35.56 3.76 2.81
N GLU A 69 35.31 5.09 2.79
CA GLU A 69 36.16 6.05 3.49
C GLU A 69 35.82 6.22 4.98
N GLY A 70 34.78 5.53 5.45
CA GLY A 70 34.35 5.56 6.84
C GLY A 70 33.29 6.59 7.17
N ARG A 71 32.80 7.33 6.16
CA ARG A 71 31.75 8.34 6.34
C ARG A 71 30.44 7.62 6.63
N LYS A 72 29.77 8.05 7.70
CA LYS A 72 28.52 7.44 8.14
C LYS A 72 27.34 8.36 7.90
N TRP A 73 26.23 7.77 7.48
CA TRP A 73 24.93 8.42 7.29
C TRP A 73 23.96 7.61 8.08
N MET A 74 23.41 8.18 9.13
CA MET A 74 22.34 7.59 9.91
C MET A 74 21.18 8.45 9.57
N HIS A 75 20.33 7.89 8.73
CA HIS A 75 19.19 8.58 8.17
C HIS A 75 17.86 8.11 8.69
N LYS A 76 17.02 9.05 9.06
CA LYS A 76 15.65 8.74 9.51
C LYS A 76 14.70 9.29 8.45
N VAL A 77 15.17 10.23 7.64
CA VAL A 77 14.38 10.92 6.62
C VAL A 77 14.93 10.66 5.23
N LEU A 78 16.18 11.11 4.94
CA LEU A 78 16.73 10.98 3.59
C LEU A 78 17.08 9.57 3.20
N PRO A 79 16.84 9.17 1.95
CA PRO A 79 17.32 7.87 1.52
C PRO A 79 18.85 7.79 1.72
N ASN A 80 19.36 6.59 1.94
CA ASN A 80 20.81 6.38 2.08
C ASN A 80 21.46 6.44 0.70
N GLY A 81 20.66 6.23 -0.32
CA GLY A 81 21.05 6.28 -1.72
C GLY A 81 21.50 7.63 -2.23
N ILE A 82 21.48 8.68 -1.37
CA ILE A 82 21.93 10.05 -1.72
C ILE A 82 23.44 10.09 -2.01
N VAL A 83 24.12 8.96 -1.72
CA VAL A 83 25.54 8.71 -1.92
C VAL A 83 25.81 8.28 -3.37
N SER A 84 24.74 8.14 -4.17
CA SER A 84 24.83 7.77 -5.57
C SER A 84 25.61 8.83 -6.33
N PRO A 85 26.67 8.45 -7.07
CA PRO A 85 27.45 9.46 -7.80
C PRO A 85 26.67 10.24 -8.85
N ASN A 86 25.56 9.67 -9.41
CA ASN A 86 24.74 10.31 -10.43
C ASN A 86 23.41 10.86 -9.90
N LEU A 87 23.36 11.16 -8.59
CA LEU A 87 22.18 11.69 -7.93
C LEU A 87 21.67 13.01 -8.53
N LYS A 88 20.39 13.01 -8.94
CA LYS A 88 19.66 14.16 -9.51
C LYS A 88 18.47 14.47 -8.62
N ARG A 89 17.77 13.43 -8.13
CA ARG A 89 16.57 13.60 -7.33
C ARG A 89 16.58 12.81 -6.07
N VAL A 90 16.16 13.44 -4.98
CA VAL A 90 15.98 12.81 -3.68
C VAL A 90 14.49 12.96 -3.43
N MET A 91 13.77 11.88 -3.26
CA MET A 91 12.32 11.96 -3.16
C MET A 91 11.80 11.38 -1.89
N LEU A 92 11.05 12.19 -1.14
CA LEU A 92 10.43 11.79 0.11
C LEU A 92 8.95 11.56 -0.13
N GLY A 93 8.59 10.27 -0.25
CA GLY A 93 7.26 9.74 -0.51
C GLY A 93 6.14 10.28 0.35
N ALA A 94 4.92 10.15 -0.13
CA ALA A 94 3.71 10.59 0.60
C ALA A 94 3.51 9.86 1.90
N GLY A 95 4.07 8.65 2.00
CA GLY A 95 4.02 7.78 3.19
C GLY A 95 5.01 8.19 4.25
N SER A 96 5.86 9.19 3.91
CA SER A 96 6.87 9.73 4.79
C SER A 96 6.27 10.43 5.96
N VAL A 97 6.89 10.27 7.10
CA VAL A 97 6.55 10.95 8.32
C VAL A 97 7.90 11.44 8.76
N PHE A 98 8.08 12.77 8.80
CA PHE A 98 9.40 13.28 9.09
C PHE A 98 9.45 14.50 10.00
N SER A 99 10.54 14.59 10.78
CA SER A 99 10.84 15.75 11.57
C SER A 99 11.58 16.70 10.60
N ILE A 100 11.10 17.97 10.48
CA ILE A 100 11.75 18.96 9.62
C ILE A 100 13.17 19.22 10.17
N ASN A 101 13.31 19.25 11.50
CA ASN A 101 14.57 19.43 12.19
C ASN A 101 15.56 18.36 11.77
N ARG A 102 15.12 17.12 11.77
CA ARG A 102 15.91 15.94 11.37
C ARG A 102 16.25 16.00 9.89
N LEU A 103 15.24 16.32 9.03
CA LEU A 103 15.41 16.51 7.58
C LEU A 103 16.48 17.57 7.29
N MET A 104 16.43 18.72 8.00
CA MET A 104 17.38 19.83 7.86
C MET A 104 18.77 19.42 8.25
N GLU A 105 18.89 18.66 9.36
CA GLU A 105 20.14 18.13 9.89
C GLU A 105 20.77 17.19 8.87
N GLU A 106 19.98 16.24 8.34
CA GLU A 106 20.45 15.28 7.35
C GLU A 106 20.80 15.93 6.03
N ILE A 107 20.08 17.02 5.63
CA ILE A 107 20.41 17.77 4.41
C ILE A 107 21.73 18.48 4.67
N GLU A 108 21.86 19.12 5.83
CA GLU A 108 23.08 19.83 6.22
C GLU A 108 24.29 18.93 6.23
N MET A 109 24.16 17.74 6.83
CA MET A 109 25.23 16.77 6.95
C MET A 109 25.63 16.16 5.62
N SER A 110 24.76 16.27 4.62
CA SER A 110 25.01 15.78 3.29
C SER A 110 24.93 16.85 2.24
N LYS A 111 25.10 18.13 2.63
CA LYS A 111 25.00 19.30 1.76
C LYS A 111 25.97 19.25 0.57
N ASP A 112 27.04 18.46 0.68
CA ASP A 112 28.01 18.26 -0.39
C ASP A 112 27.41 17.37 -1.46
N LEU A 113 26.64 16.33 -1.07
CA LEU A 113 25.97 15.39 -1.98
C LEU A 113 24.72 16.01 -2.57
N LEU A 114 24.08 16.90 -1.81
CA LEU A 114 22.82 17.58 -2.14
C LEU A 114 23.10 18.97 -2.65
N HIS A 115 23.90 19.05 -3.72
CA HIS A 115 24.27 20.30 -4.40
C HIS A 115 23.09 20.91 -5.17
N ASP A 116 23.37 21.97 -5.93
CA ASP A 116 22.40 22.73 -6.73
C ASP A 116 21.75 21.91 -7.86
N LYS A 117 22.44 20.85 -8.35
CA LYS A 117 21.91 20.00 -9.42
C LYS A 117 21.16 18.78 -8.86
N VAL A 118 20.91 18.78 -7.53
CA VAL A 118 20.16 17.74 -6.85
C VAL A 118 18.86 18.38 -6.36
N ALA A 119 17.73 17.83 -6.80
CA ALA A 119 16.41 18.27 -6.40
C ALA A 119 15.92 17.35 -5.30
N ILE A 120 15.63 17.93 -4.13
CA ILE A 120 15.02 17.23 -3.02
C ILE A 120 13.52 17.48 -3.16
N LEU A 121 12.76 16.42 -3.33
CA LEU A 121 11.32 16.50 -3.51
C LEU A 121 10.62 15.85 -2.38
N ILE A 122 9.90 16.65 -1.62
CA ILE A 122 9.08 16.17 -0.52
C ILE A 122 7.69 16.11 -1.12
N HIS A 123 7.06 14.94 -1.08
CA HIS A 123 5.71 14.75 -1.57
C HIS A 123 4.82 15.71 -0.81
N PRO A 124 3.87 16.40 -1.49
CA PRO A 124 3.01 17.37 -0.76
C PRO A 124 2.27 16.75 0.41
N MET A 125 1.91 15.46 0.31
CA MET A 125 1.17 14.80 1.39
C MET A 125 2.07 14.06 2.36
N ALA A 126 3.41 14.19 2.24
CA ALA A 126 4.32 13.65 3.24
C ALA A 126 3.96 14.34 4.58
N THR A 127 3.96 13.56 5.65
CA THR A 127 3.53 14.03 6.97
C THR A 127 4.65 14.67 7.75
N VAL A 128 4.38 15.86 8.26
CA VAL A 128 5.31 16.57 9.11
C VAL A 128 5.06 16.13 10.54
N LEU A 129 6.08 15.54 11.14
CA LEU A 129 6.04 15.09 12.51
C LEU A 129 6.06 16.28 13.47
N ASP A 130 5.11 16.26 14.39
CA ASP A 130 4.98 17.18 15.50
C ASP A 130 5.67 16.38 16.61
N GLU A 131 6.98 16.64 16.82
CA GLU A 131 7.85 15.92 17.76
C GLU A 131 7.27 15.81 19.18
N GLU A 132 6.69 16.90 19.70
CA GLU A 132 6.07 16.90 21.03
C GLU A 132 4.81 16.03 21.08
N ALA A 133 3.73 16.42 20.34
CA ALA A 133 2.42 15.74 20.30
C ALA A 133 2.44 14.28 19.85
N HIS A 134 3.14 13.98 18.75
CA HIS A 134 3.15 12.64 18.17
C HIS A 134 3.96 11.63 18.96
N LYS A 135 5.14 12.04 19.50
CA LYS A 135 5.94 11.16 20.36
C LYS A 135 5.20 10.91 21.68
N LYS A 136 4.50 11.96 22.23
CA LYS A 136 3.71 11.90 23.47
C LYS A 136 2.59 10.89 23.30
N ALA A 137 1.93 10.91 22.13
CA ALA A 137 0.84 10.02 21.77
C ALA A 137 1.26 8.55 21.71
N GLU A 138 2.56 8.27 21.46
CA GLU A 138 3.09 6.89 21.36
C GLU A 138 3.95 6.44 22.56
N VAL A 139 3.83 7.10 23.72
CA VAL A 139 4.56 6.75 24.94
C VAL A 139 4.07 5.38 25.46
N GLY A 140 2.76 5.17 25.40
CA GLY A 140 2.10 3.96 25.84
C GLY A 140 2.55 2.73 25.07
N ILE A 141 2.47 2.81 23.73
CA ILE A 141 2.86 1.72 22.84
C ILE A 141 4.39 1.54 22.81
N ALA A 142 5.16 2.58 23.20
CA ALA A 142 6.62 2.52 23.30
C ALA A 142 7.01 1.50 24.36
N THR A 143 6.13 1.27 25.35
CA THR A 143 6.36 0.25 26.37
C THR A 143 5.51 -0.99 26.05
N SER A 144 4.18 -0.82 25.81
CA SER A 144 3.24 -1.92 25.55
C SER A 144 3.62 -2.82 24.36
N ILE A 145 3.91 -2.24 23.18
CA ILE A 145 4.32 -3.02 21.99
C ILE A 145 5.81 -2.84 21.64
N GLY A 146 6.59 -2.19 22.52
CA GLY A 146 8.01 -1.91 22.33
C GLY A 146 8.25 -1.00 21.14
N SER A 147 7.22 -0.20 20.80
CA SER A 147 7.21 0.77 19.71
C SER A 147 8.35 1.76 19.91
N THR A 148 8.95 2.22 18.81
CA THR A 148 10.05 3.20 18.83
C THR A 148 9.52 4.52 19.44
N GLY A 149 8.18 4.63 19.50
CA GLY A 149 7.43 5.76 20.05
C GLY A 149 7.86 7.08 19.47
N GLN A 150 8.19 7.05 18.17
CA GLN A 150 8.74 8.19 17.43
C GLN A 150 7.69 9.13 16.84
N GLY A 151 6.42 8.76 17.00
CA GLY A 151 5.30 9.56 16.53
C GLY A 151 4.78 9.21 15.17
N SER A 152 5.37 8.17 14.55
CA SER A 152 5.08 7.65 13.20
C SER A 152 3.60 7.50 12.90
N MET A 153 2.90 6.72 13.76
CA MET A 153 1.48 6.44 13.64
C MET A 153 0.61 7.62 14.13
N ALA A 154 1.04 8.35 15.17
CA ALA A 154 0.27 9.49 15.68
C ALA A 154 0.19 10.60 14.62
N ALA A 155 1.29 10.73 13.81
CA ALA A 155 1.44 11.68 12.71
C ALA A 155 0.54 11.25 11.56
N MET A 156 0.61 9.95 11.23
CA MET A 156 -0.17 9.22 10.24
C MET A 156 -1.68 9.39 10.53
N VAL A 157 -2.09 9.19 11.79
CA VAL A 157 -3.47 9.31 12.31
C VAL A 157 -3.97 10.74 12.13
N GLU A 158 -3.12 11.75 12.46
CA GLU A 158 -3.46 13.16 12.31
C GLU A 158 -3.72 13.49 10.85
N LYS A 159 -2.92 12.91 9.94
CA LYS A 159 -3.06 13.03 8.51
C LYS A 159 -4.36 12.37 8.03
N LEU A 160 -4.68 11.19 8.58
CA LEU A 160 -5.87 10.43 8.23
C LEU A 160 -7.15 11.12 8.66
N GLN A 161 -7.06 12.03 9.65
CA GLN A 161 -8.18 12.77 10.18
C GLN A 161 -8.82 13.62 9.09
N ARG A 162 -7.98 14.11 8.16
CA ARG A 162 -8.38 14.89 6.99
C ARG A 162 -9.27 16.06 7.38
N ASP A 163 -8.89 16.73 8.48
CA ASP A 163 -9.59 17.89 8.97
C ASP A 163 -9.15 19.07 8.07
N PRO A 164 -10.07 19.70 7.30
CA PRO A 164 -9.66 20.83 6.43
C PRO A 164 -9.04 22.01 7.17
N THR A 165 -9.35 22.16 8.47
CA THR A 165 -8.83 23.25 9.30
C THR A 165 -7.39 22.95 9.73
N ASN A 166 -6.94 21.69 9.58
CA ASN A 166 -5.60 21.29 9.97
C ASN A 166 -4.58 21.52 8.85
N ASN A 167 -3.89 22.68 8.93
CA ASN A 167 -2.88 23.13 7.98
C ASN A 167 -1.47 22.81 8.46
N THR A 168 -1.35 21.97 9.49
CA THR A 168 -0.06 21.68 10.10
C THR A 168 0.41 20.25 9.96
N ILE A 169 -0.29 19.39 9.22
CA ILE A 169 0.14 18.00 9.17
C ILE A 169 0.82 17.62 7.83
N VAL A 170 0.27 18.01 6.67
CA VAL A 170 0.92 17.63 5.41
C VAL A 170 1.95 18.68 4.98
N ALA A 171 3.06 18.21 4.39
CA ALA A 171 4.18 19.00 3.90
C ALA A 171 3.72 20.24 3.09
N ARG A 172 2.73 20.05 2.19
CA ARG A 172 2.10 21.06 1.34
C ARG A 172 1.63 22.26 2.17
N ASP A 173 0.98 21.98 3.31
CA ASP A 173 0.42 23.00 4.20
C ASP A 173 1.45 23.62 5.09
N VAL A 174 2.32 22.80 5.65
CA VAL A 174 3.43 23.22 6.51
C VAL A 174 4.41 24.13 5.73
N ALA A 175 4.65 23.83 4.43
CA ALA A 175 5.52 24.64 3.54
C ALA A 175 5.06 26.08 3.45
N GLN A 176 3.75 26.34 3.66
CA GLN A 176 3.13 27.67 3.59
C GLN A 176 3.55 28.58 4.76
N TYR A 177 3.90 28.04 5.93
CA TYR A 177 4.33 28.86 7.06
C TYR A 177 5.76 28.52 7.51
N ASP A 178 6.24 27.32 7.17
CA ASP A 178 7.58 26.83 7.50
C ASP A 178 8.37 26.76 6.21
N GLY A 179 9.12 27.82 5.96
CA GLY A 179 9.90 28.05 4.76
C GLY A 179 11.06 27.10 4.54
N ARG A 180 11.46 26.37 5.56
CA ARG A 180 12.56 25.41 5.53
C ARG A 180 12.33 24.29 4.52
N ILE A 181 11.07 23.91 4.34
CA ILE A 181 10.68 22.82 3.45
C ILE A 181 9.98 23.33 2.21
N ALA A 182 9.61 24.61 2.18
CA ALA A 182 8.89 25.25 1.08
C ALA A 182 9.48 24.95 -0.32
N GLN A 183 10.83 25.06 -0.48
CA GLN A 183 11.52 24.77 -1.74
C GLN A 183 11.49 23.27 -2.08
N TYR A 184 11.38 22.40 -1.06
CA TYR A 184 11.39 20.96 -1.27
C TYR A 184 10.05 20.37 -1.59
N VAL A 185 8.99 20.96 -1.00
CA VAL A 185 7.65 20.45 -1.18
C VAL A 185 7.17 20.67 -2.61
N CYS A 186 6.93 19.55 -3.31
CA CYS A 186 6.49 19.60 -4.69
C CYS A 186 4.98 19.40 -4.76
N THR A 187 4.44 19.37 -5.98
CA THR A 187 3.04 19.07 -6.22
C THR A 187 2.96 17.58 -6.56
N VAL A 188 1.77 17.00 -6.59
CA VAL A 188 1.63 15.59 -6.99
C VAL A 188 2.09 15.43 -8.47
N GLU A 189 1.85 16.43 -9.32
CA GLU A 189 2.30 16.41 -10.72
C GLU A 189 3.82 16.33 -10.84
N GLU A 190 4.55 17.19 -10.10
CA GLU A 190 6.02 17.24 -10.06
C GLU A 190 6.54 15.89 -9.57
N TRP A 191 5.83 15.29 -8.60
CA TRP A 191 6.14 14.01 -8.03
C TRP A 191 6.15 12.96 -9.15
N ASP A 192 5.03 12.86 -9.87
CA ASP A 192 4.85 11.91 -10.98
C ASP A 192 5.85 12.15 -12.09
N MET A 193 6.10 13.42 -12.41
CA MET A 193 7.01 13.84 -13.45
C MET A 193 8.45 13.55 -13.09
N ALA A 194 8.80 13.66 -11.79
CA ALA A 194 10.12 13.38 -11.28
C ALA A 194 10.43 11.91 -11.42
N LEU A 195 9.42 11.04 -11.20
CA LEU A 195 9.55 9.58 -11.36
C LEU A 195 9.60 9.22 -12.83
N MET A 196 8.79 9.90 -13.64
CA MET A 196 8.76 9.69 -15.08
C MET A 196 10.07 10.09 -15.74
N ALA A 197 10.66 11.21 -15.27
CA ALA A 197 11.92 11.75 -15.77
C ALA A 197 13.16 10.95 -15.30
N SER A 198 13.03 10.17 -14.22
CA SER A 198 14.11 9.37 -13.68
C SER A 198 14.55 8.29 -14.62
N GLU A 199 15.86 8.04 -14.65
CA GLU A 199 16.45 7.01 -15.48
C GLU A 199 16.50 5.67 -14.70
N ARG A 200 17.03 5.69 -13.47
CA ARG A 200 17.18 4.53 -12.61
C ARG A 200 16.86 4.99 -11.19
N ILE A 201 15.91 4.31 -10.56
CA ILE A 201 15.40 4.66 -9.24
C ILE A 201 15.79 3.68 -8.16
N LEU A 202 16.22 4.20 -7.01
CA LEU A 202 16.47 3.35 -5.86
C LEU A 202 15.39 3.66 -4.86
N ALA A 203 14.45 2.71 -4.69
CA ALA A 203 13.37 2.84 -3.73
C ALA A 203 13.78 2.15 -2.45
N GLU A 204 13.76 2.90 -1.37
CA GLU A 204 14.22 2.34 -0.11
C GLU A 204 13.11 2.14 0.86
N GLY A 205 12.80 0.88 1.09
CA GLY A 205 11.82 0.46 2.08
C GLY A 205 12.41 0.62 3.47
N ALA A 206 11.56 0.60 4.47
CA ALA A 206 11.99 0.75 5.85
C ALA A 206 11.39 -0.41 6.63
N GLN A 207 11.75 -0.50 7.92
CA GLN A 207 11.23 -1.47 8.88
C GLN A 207 11.46 -2.90 8.39
N GLY A 208 10.54 -3.82 8.61
CA GLY A 208 10.74 -5.20 8.21
C GLY A 208 9.47 -5.91 7.86
N PHE A 209 9.54 -6.93 7.00
CA PHE A 209 8.39 -7.71 6.60
C PHE A 209 7.52 -8.16 7.78
N SER A 210 8.12 -8.79 8.78
CA SER A 210 7.38 -9.29 9.95
C SER A 210 6.85 -8.19 10.86
N LEU A 211 7.25 -6.94 10.62
CA LEU A 211 6.77 -5.78 11.37
C LEU A 211 5.53 -5.25 10.74
N SER A 212 5.22 -5.70 9.51
CA SER A 212 4.02 -5.30 8.78
C SER A 212 2.82 -5.39 9.66
N LEU A 213 2.00 -4.33 9.59
CA LEU A 213 0.76 -4.21 10.34
C LEU A 213 -0.10 -5.45 10.17
N ASN A 214 -0.08 -6.03 8.98
CA ASN A 214 -0.93 -7.16 8.63
C ASN A 214 -0.22 -8.50 8.60
N GLN A 215 0.97 -8.56 9.23
CA GLN A 215 1.63 -9.82 9.46
C GLN A 215 1.08 -10.38 10.79
N GLU A 216 1.52 -11.57 11.24
CA GLU A 216 0.83 -12.21 12.35
C GLU A 216 1.10 -11.71 13.77
N PHE A 217 2.00 -10.74 13.93
CA PHE A 217 2.37 -10.27 15.26
C PHE A 217 1.53 -9.15 15.79
N TYR A 218 0.51 -8.69 15.03
CA TYR A 218 -0.39 -7.63 15.49
C TYR A 218 -0.88 -7.87 16.93
N PRO A 219 -0.83 -6.85 17.82
CA PRO A 219 -0.46 -5.43 17.62
C PRO A 219 1.03 -5.12 17.74
N TYR A 220 1.86 -6.16 17.89
CA TYR A 220 3.32 -6.06 18.01
C TYR A 220 3.89 -5.97 16.61
N CYS A 221 3.65 -4.82 16.00
CA CYS A 221 3.97 -4.53 14.60
C CYS A 221 3.98 -3.04 14.41
N THR A 222 4.34 -2.60 13.20
CA THR A 222 4.36 -1.21 12.82
C THR A 222 2.97 -0.79 12.26
N SER A 223 2.83 0.50 11.92
CA SER A 223 1.60 1.15 11.47
C SER A 223 1.24 0.94 10.00
N ARG A 224 2.00 0.11 9.31
CA ARG A 224 1.68 -0.16 7.91
C ARG A 224 2.31 -1.48 7.52
N ASP A 225 2.04 -1.93 6.29
CA ASP A 225 2.65 -3.12 5.74
C ASP A 225 4.01 -2.73 5.24
N CYS A 226 4.98 -3.60 5.45
CA CYS A 226 6.33 -3.37 5.02
C CYS A 226 6.51 -4.37 3.95
N THR A 227 5.79 -4.15 2.88
CA THR A 227 5.78 -5.07 1.76
C THR A 227 6.08 -4.24 0.53
N PRO A 228 6.69 -4.83 -0.53
CA PRO A 228 6.94 -4.05 -1.75
C PRO A 228 5.71 -3.29 -2.25
N ALA A 229 4.53 -3.93 -2.23
CA ALA A 229 3.27 -3.32 -2.67
C ALA A 229 3.00 -2.02 -1.88
N ARG A 230 3.12 -2.08 -0.55
CA ARG A 230 2.93 -0.93 0.32
C ARG A 230 4.02 0.13 0.15
N PHE A 231 5.26 -0.30 0.00
CA PHE A 231 6.37 0.62 -0.19
C PHE A 231 6.26 1.40 -1.50
N LEU A 232 5.94 0.70 -2.61
CA LEU A 232 5.72 1.35 -3.89
C LEU A 232 4.54 2.29 -3.79
N ALA A 233 3.45 1.87 -3.11
CA ALA A 233 2.25 2.69 -2.89
C ALA A 233 2.57 3.97 -2.11
N ASP A 234 3.36 3.84 -1.03
CA ASP A 234 3.76 4.94 -0.14
C ASP A 234 4.75 5.93 -0.79
N MET A 235 5.38 5.53 -1.90
CA MET A 235 6.31 6.37 -2.65
C MET A 235 5.65 6.82 -3.95
N GLY A 236 4.42 6.33 -4.17
CA GLY A 236 3.63 6.65 -5.35
C GLY A 236 4.23 6.15 -6.63
N ILE A 237 4.97 5.04 -6.51
CA ILE A 237 5.62 4.41 -7.63
C ILE A 237 4.63 3.51 -8.34
N PRO A 238 4.33 3.80 -9.63
CA PRO A 238 3.50 2.89 -10.42
C PRO A 238 4.17 1.50 -10.47
N LEU A 239 3.38 0.43 -10.34
CA LEU A 239 3.86 -0.96 -10.33
C LEU A 239 4.73 -1.33 -11.54
N PRO A 240 4.41 -0.91 -12.79
CA PRO A 240 5.30 -1.24 -13.91
C PRO A 240 6.73 -0.69 -13.79
N MET A 241 6.93 0.27 -12.91
CA MET A 241 8.23 0.88 -12.67
C MET A 241 9.16 -0.02 -11.90
N LEU A 242 8.61 -0.99 -11.19
CA LEU A 242 9.40 -1.95 -10.44
C LEU A 242 10.23 -2.85 -11.35
N ASN A 243 11.53 -2.75 -11.19
CA ASN A 243 12.50 -3.57 -11.92
C ASN A 243 12.96 -4.74 -11.04
N LYS A 244 13.36 -4.47 -9.79
CA LYS A 244 13.78 -5.55 -8.93
C LYS A 244 13.65 -5.21 -7.47
N VAL A 245 13.45 -6.27 -6.68
CA VAL A 245 13.27 -6.22 -5.24
C VAL A 245 14.46 -6.88 -4.60
N ILE A 246 15.17 -6.10 -3.82
CA ILE A 246 16.33 -6.58 -3.08
C ILE A 246 15.84 -6.74 -1.68
N GLY A 247 15.63 -7.98 -1.29
CA GLY A 247 15.22 -8.30 0.06
C GLY A 247 16.43 -8.41 0.94
N THR A 248 16.32 -7.91 2.18
CA THR A 248 17.46 -7.93 3.11
C THR A 248 17.18 -8.84 4.31
N ALA A 249 18.21 -9.53 4.77
CA ALA A 249 18.04 -10.40 5.92
C ALA A 249 19.33 -10.43 6.74
N ARG A 250 19.21 -10.81 7.99
CA ARG A 250 20.29 -11.00 8.95
C ARG A 250 20.35 -12.50 9.16
N CYS A 251 21.49 -13.00 9.60
CA CYS A 251 21.60 -14.43 9.88
C CYS A 251 20.85 -14.79 11.15
N HIS A 252 20.74 -13.80 12.04
CA HIS A 252 20.01 -13.87 13.29
C HIS A 252 19.11 -12.65 13.27
N PRO A 253 17.81 -12.76 12.92
CA PRO A 253 16.94 -11.57 12.95
C PRO A 253 16.83 -10.97 14.35
N ILE A 254 16.62 -9.69 14.40
CA ILE A 254 16.48 -8.95 15.64
C ILE A 254 15.08 -8.37 15.75
N ARG A 255 14.73 -7.95 16.94
CA ARG A 255 13.56 -7.17 17.27
C ARG A 255 14.13 -6.05 18.14
N VAL A 256 13.35 -5.00 18.39
CA VAL A 256 13.80 -3.94 19.27
C VAL A 256 13.67 -4.49 20.71
N GLY A 257 14.27 -3.83 21.67
CA GLY A 257 14.14 -4.27 23.04
C GLY A 257 12.74 -4.04 23.61
N GLY A 258 12.43 -4.77 24.68
CA GLY A 258 11.15 -4.67 25.35
C GLY A 258 10.17 -5.72 24.91
N THR A 259 8.89 -5.48 25.17
CA THR A 259 7.81 -6.40 24.80
C THR A 259 7.39 -6.05 23.39
N SER A 260 8.31 -6.29 22.44
CA SER A 260 8.23 -5.95 21.00
C SER A 260 7.58 -7.01 20.10
N GLY A 261 7.07 -8.09 20.69
CA GLY A 261 6.38 -9.13 19.95
C GLY A 261 7.02 -10.48 19.97
N GLY A 262 6.23 -11.45 19.53
CA GLY A 262 6.69 -12.83 19.47
C GLY A 262 7.61 -13.09 18.29
N HIS A 263 7.89 -14.36 18.09
CA HIS A 263 8.73 -14.79 16.99
C HIS A 263 8.01 -15.95 16.31
N TYR A 264 8.62 -16.53 15.29
CA TYR A 264 8.07 -17.62 14.54
C TYR A 264 8.25 -18.97 15.26
N PRO A 265 7.41 -19.99 14.94
CA PRO A 265 7.51 -21.26 15.69
C PRO A 265 8.85 -21.99 15.59
N ASP A 266 9.61 -21.71 14.54
CA ASP A 266 10.91 -22.32 14.23
C ASP A 266 12.08 -21.48 14.66
N GLN A 267 11.83 -20.45 15.47
CA GLN A 267 12.92 -19.65 15.89
C GLN A 267 12.87 -19.45 17.38
N GLU A 268 14.02 -19.21 17.95
CA GLU A 268 14.17 -19.06 19.39
C GLU A 268 14.87 -17.73 19.66
N GLU A 269 14.56 -17.11 20.81
CA GLU A 269 15.25 -15.90 21.20
C GLU A 269 16.59 -16.30 21.79
N LEU A 270 17.61 -15.62 21.31
CA LEU A 270 18.99 -15.83 21.71
C LEU A 270 19.47 -14.62 22.52
N THR A 271 20.66 -14.74 23.10
CA THR A 271 21.31 -13.65 23.79
C THR A 271 22.52 -13.28 22.92
N TRP A 272 22.99 -12.03 23.01
CA TRP A 272 24.18 -11.63 22.25
C TRP A 272 25.39 -12.46 22.69
N GLU A 273 25.50 -12.79 24.01
CA GLU A 273 26.56 -13.64 24.58
C GLU A 273 26.53 -15.04 24.00
N GLN A 274 25.33 -15.56 23.63
CA GLN A 274 25.13 -16.87 22.98
C GLN A 274 25.76 -16.85 21.58
N LEU A 275 25.75 -15.67 20.94
CA LEU A 275 26.29 -15.47 19.59
C LEU A 275 27.75 -15.06 19.57
N GLY A 276 28.26 -14.67 20.74
CA GLY A 276 29.64 -14.23 20.92
C GLY A 276 29.84 -12.85 20.33
N GLN A 277 28.77 -12.05 20.35
CA GLN A 277 28.74 -10.70 19.80
C GLN A 277 28.44 -9.66 20.86
N VAL A 278 28.96 -8.44 20.64
CA VAL A 278 28.75 -7.30 21.53
C VAL A 278 27.25 -6.92 21.41
N PRO A 279 26.52 -6.78 22.56
CA PRO A 279 25.10 -6.45 22.47
C PRO A 279 24.76 -5.23 21.62
N GLU A 280 23.98 -5.50 20.57
CA GLU A 280 23.47 -4.50 19.64
C GLU A 280 22.39 -3.70 20.31
N LEU A 281 22.47 -2.39 20.13
CA LEU A 281 21.53 -1.45 20.71
C LEU A 281 20.69 -0.81 19.64
N THR A 282 19.36 -0.83 19.88
CA THR A 282 18.30 -0.28 19.04
C THR A 282 18.70 1.10 18.50
N THR A 283 18.32 1.37 17.24
CA THR A 283 18.61 2.63 16.54
C THR A 283 18.00 3.82 17.30
N VAL A 284 16.70 3.71 17.68
CA VAL A 284 15.92 4.76 18.38
C VAL A 284 16.22 4.79 19.89
N THR A 285 15.83 3.71 20.61
CA THR A 285 16.06 3.59 22.05
C THR A 285 17.47 3.02 22.22
N LYS A 286 18.17 3.36 23.32
CA LYS A 286 19.52 2.79 23.54
C LYS A 286 19.42 1.30 23.95
N LYS A 287 18.19 0.75 23.98
CA LYS A 287 17.74 -0.57 24.40
C LYS A 287 18.40 -1.67 23.61
N VAL A 288 18.69 -2.77 24.30
CA VAL A 288 19.36 -3.92 23.72
C VAL A 288 18.37 -4.62 22.79
N ARG A 289 18.80 -4.81 21.54
CA ARG A 289 18.03 -5.48 20.51
C ARG A 289 17.81 -6.91 20.93
N ARG A 290 16.62 -7.43 20.67
CA ARG A 290 16.29 -8.83 20.92
C ARG A 290 16.82 -9.59 19.71
N VAL A 291 17.44 -10.74 19.91
CA VAL A 291 18.04 -11.46 18.80
C VAL A 291 17.48 -12.87 18.76
N PHE A 292 17.21 -13.36 17.55
CA PHE A 292 16.60 -14.65 17.35
C PHE A 292 17.41 -15.46 16.39
N SER A 293 17.21 -16.79 16.42
CA SER A 293 17.86 -17.68 15.45
C SER A 293 17.21 -17.41 14.08
N PHE A 294 17.83 -17.85 13.00
CA PHE A 294 17.22 -17.64 11.70
C PHE A 294 15.90 -18.40 11.61
N SER A 295 14.87 -17.77 11.02
CA SER A 295 13.59 -18.43 10.83
C SER A 295 13.31 -18.69 9.35
N PHE A 296 13.22 -19.99 9.00
CA PHE A 296 12.90 -20.47 7.67
C PHE A 296 11.46 -20.10 7.36
N ILE A 297 10.54 -20.28 8.36
CA ILE A 297 9.11 -19.92 8.28
C ILE A 297 9.03 -18.44 7.90
N GLN A 298 9.75 -17.56 8.65
CA GLN A 298 9.79 -16.11 8.38
C GLN A 298 10.24 -15.84 6.97
N MET A 299 11.24 -16.59 6.51
CA MET A 299 11.81 -16.46 5.18
C MET A 299 10.82 -16.84 4.11
N GLN A 300 10.10 -17.95 4.26
CA GLN A 300 9.08 -18.37 3.31
C GLN A 300 7.96 -17.34 3.24
N LYS A 301 7.55 -16.82 4.41
CA LYS A 301 6.50 -15.81 4.53
C LYS A 301 6.94 -14.56 3.83
N ALA A 302 8.16 -14.07 4.12
CA ALA A 302 8.74 -12.88 3.47
C ALA A 302 8.94 -13.10 1.98
N MET A 303 9.37 -14.29 1.59
CA MET A 303 9.58 -14.66 0.18
C MET A 303 8.28 -14.68 -0.58
N TRP A 304 7.24 -15.24 0.02
CA TRP A 304 5.93 -15.29 -0.57
C TRP A 304 5.39 -13.91 -0.90
N THR A 305 5.30 -12.98 0.06
CA THR A 305 4.71 -11.69 -0.29
C THR A 305 5.71 -10.69 -0.83
N CYS A 306 6.97 -10.72 -0.37
CA CYS A 306 7.94 -9.72 -0.81
C CYS A 306 8.53 -10.03 -2.13
N GLN A 307 8.59 -11.32 -2.46
CA GLN A 307 9.07 -11.84 -3.74
C GLN A 307 10.37 -11.16 -4.22
N PRO A 308 11.46 -11.16 -3.40
CA PRO A 308 12.68 -10.49 -3.86
C PRO A 308 13.33 -11.22 -5.02
N ASP A 309 13.98 -10.42 -5.86
CA ASP A 309 14.70 -10.94 -7.01
C ASP A 309 16.10 -11.25 -6.51
N GLU A 310 16.59 -10.38 -5.64
CA GLU A 310 17.91 -10.49 -5.04
C GLU A 310 17.78 -10.41 -3.55
N VAL A 311 18.73 -11.04 -2.84
CA VAL A 311 18.77 -11.02 -1.39
C VAL A 311 20.12 -10.56 -0.94
N PHE A 312 20.12 -9.66 0.03
CA PHE A 312 21.29 -9.21 0.74
C PHE A 312 21.24 -9.92 2.07
N LEU A 313 22.17 -10.86 2.30
CA LEU A 313 22.22 -11.54 3.58
C LEU A 313 23.32 -10.92 4.38
N ASN A 314 22.90 -10.17 5.38
CA ASN A 314 23.78 -9.42 6.24
C ASN A 314 24.06 -10.09 7.57
N PHE A 315 25.02 -9.51 8.31
CA PHE A 315 25.50 -9.96 9.62
C PHE A 315 26.06 -11.39 9.56
N CYS A 316 26.66 -11.72 8.38
CA CYS A 316 27.31 -13.02 8.13
C CYS A 316 28.55 -13.11 9.01
N ASN A 317 29.06 -11.95 9.47
CA ASN A 317 30.19 -11.79 10.40
C ASN A 317 29.91 -12.36 11.80
N TYR A 318 28.66 -12.73 12.10
CA TYR A 318 28.20 -13.28 13.38
C TYR A 318 28.20 -14.80 13.37
N LEU A 319 28.39 -15.38 12.17
CA LEU A 319 28.42 -16.81 11.94
C LEU A 319 29.71 -17.22 11.24
N SER A 320 30.02 -18.50 11.32
CA SER A 320 31.16 -19.14 10.64
C SER A 320 30.75 -19.31 9.16
N PRO A 321 31.68 -19.49 8.18
CA PRO A 321 31.24 -19.69 6.78
C PRO A 321 30.14 -20.73 6.58
N MET A 322 30.23 -21.90 7.21
CA MET A 322 29.22 -22.97 7.13
C MET A 322 27.84 -22.50 7.58
N GLY A 323 27.83 -21.67 8.63
CA GLY A 323 26.62 -21.10 9.20
C GLY A 323 25.90 -20.16 8.26
N TRP A 324 26.60 -19.15 7.71
CA TRP A 324 25.96 -18.20 6.81
C TRP A 324 25.76 -18.79 5.41
N GLN A 325 26.61 -19.74 4.98
CA GLN A 325 26.45 -20.43 3.69
C GLN A 325 25.17 -21.26 3.75
N ASP A 326 24.86 -21.80 4.95
CA ASP A 326 23.67 -22.58 5.19
C ASP A 326 22.41 -21.72 5.12
N ILE A 327 22.47 -20.53 5.71
CA ILE A 327 21.35 -19.60 5.69
C ILE A 327 21.08 -19.13 4.25
N VAL A 328 22.14 -19.01 3.42
CA VAL A 328 22.06 -18.65 2.00
C VAL A 328 21.23 -19.71 1.27
N HIS A 329 21.59 -20.99 1.44
CA HIS A 329 20.86 -22.11 0.83
C HIS A 329 19.42 -22.18 1.34
N GLN A 330 19.21 -21.88 2.64
CA GLN A 330 17.90 -21.85 3.27
C GLN A 330 17.02 -20.77 2.66
N ILE A 331 17.58 -19.56 2.47
CA ILE A 331 16.88 -18.41 1.90
C ILE A 331 16.43 -18.72 0.49
N GLU A 332 17.31 -19.35 -0.29
CA GLU A 332 17.05 -19.64 -1.70
C GLU A 332 16.06 -20.74 -1.91
N VAL A 333 15.99 -21.69 -0.96
CA VAL A 333 15.00 -22.74 -1.05
C VAL A 333 13.69 -22.25 -0.44
N ALA A 334 13.75 -21.35 0.56
CA ALA A 334 12.56 -20.73 1.15
C ALA A 334 11.90 -19.89 0.05
N ALA A 335 12.74 -19.28 -0.82
CA ALA A 335 12.33 -18.47 -1.98
C ALA A 335 11.64 -19.38 -2.99
N GLN A 336 12.36 -20.40 -3.47
CA GLN A 336 11.90 -21.38 -4.44
C GLN A 336 10.56 -22.00 -4.05
N SER A 337 10.38 -22.29 -2.75
CA SER A 337 9.17 -22.89 -2.17
C SER A 337 7.96 -21.96 -2.25
N ARG A 338 8.22 -20.66 -2.28
CA ARG A 338 7.18 -19.64 -2.35
C ARG A 338 7.12 -18.96 -3.73
N TYR A 339 7.54 -19.73 -4.76
CA TYR A 339 7.57 -19.37 -6.19
C TYR A 339 8.42 -18.17 -6.48
N CYS A 340 9.43 -17.98 -5.69
CA CYS A 340 10.30 -16.83 -5.75
C CYS A 340 11.69 -17.24 -6.25
N ASP A 341 12.18 -16.58 -7.30
CA ASP A 341 13.49 -16.88 -7.90
C ASP A 341 14.60 -16.05 -7.27
N ALA A 342 14.46 -15.71 -5.96
CA ALA A 342 15.42 -14.91 -5.21
C ALA A 342 16.79 -15.54 -5.16
N GLU A 343 17.77 -14.71 -5.43
CA GLU A 343 19.16 -15.11 -5.43
C GLU A 343 19.82 -14.28 -4.36
N VAL A 344 20.48 -14.94 -3.41
CA VAL A 344 21.28 -14.22 -2.41
C VAL A 344 22.50 -13.77 -3.24
N LYS A 345 22.48 -12.49 -3.63
CA LYS A 345 23.50 -11.90 -4.48
C LYS A 345 24.55 -11.21 -3.63
N TYR A 346 24.13 -10.68 -2.48
CA TYR A 346 25.00 -9.92 -1.61
C TYR A 346 25.08 -10.48 -0.25
N LEU A 347 26.30 -10.47 0.32
CA LEU A 347 26.56 -10.93 1.67
C LEU A 347 27.25 -9.81 2.46
N GLY A 348 26.80 -9.59 3.68
CA GLY A 348 27.33 -8.54 4.55
C GLY A 348 28.12 -9.11 5.70
N PHE A 349 29.35 -8.61 5.86
CA PHE A 349 30.28 -9.04 6.88
C PHE A 349 30.73 -7.89 7.77
N GLY A 350 29.96 -6.81 7.73
CA GLY A 350 30.26 -5.61 8.48
C GLY A 350 29.34 -4.49 8.09
N PRO A 351 29.49 -3.31 8.74
CA PRO A 351 28.54 -2.20 8.50
C PRO A 351 28.86 -1.26 7.33
N THR A 352 30.05 -1.39 6.76
CA THR A 352 30.53 -0.51 5.71
C THR A 352 30.36 -1.10 4.31
N PHE A 353 30.56 -0.23 3.29
CA PHE A 353 30.54 -0.57 1.86
C PHE A 353 31.53 -1.72 1.56
N ASN A 354 32.71 -1.71 2.20
CA ASN A 354 33.78 -2.69 2.01
C ASN A 354 33.42 -4.09 2.48
N ASP A 355 32.36 -4.18 3.29
CA ASP A 355 31.89 -5.40 3.94
C ASP A 355 30.78 -6.09 3.20
N VAL A 356 30.39 -5.51 2.08
CA VAL A 356 29.38 -6.07 1.20
C VAL A 356 30.11 -6.83 0.13
N GLU A 357 29.92 -8.14 0.19
CA GLU A 357 30.54 -9.08 -0.72
C GLU A 357 29.53 -9.59 -1.72
N LEU A 358 30.00 -9.97 -2.90
CA LEU A 358 29.14 -10.63 -3.86
C LEU A 358 29.15 -12.07 -3.38
N ARG A 359 27.97 -12.67 -3.23
CA ARG A 359 27.86 -14.04 -2.76
C ARG A 359 28.72 -15.00 -3.61
N GLU A 360 28.73 -14.81 -4.96
CA GLU A 360 29.52 -15.61 -5.91
C GLU A 360 31.05 -15.57 -5.64
N ASP A 361 31.52 -14.54 -4.95
CA ASP A 361 32.92 -14.34 -4.61
C ASP A 361 33.34 -15.04 -3.33
N VAL A 362 32.39 -15.25 -2.39
CA VAL A 362 32.69 -15.82 -1.09
C VAL A 362 32.16 -17.26 -0.91
N MET A 363 31.39 -17.78 -1.89
CA MET A 363 30.86 -19.15 -1.86
C MET A 363 30.47 -19.66 -3.26
N MET B 21 1.83 -17.61 -10.13
CA MET B 21 1.86 -16.13 -10.25
C MET B 21 1.03 -15.65 -11.46
N LYS B 22 1.08 -14.34 -11.78
CA LYS B 22 0.34 -13.65 -12.86
C LYS B 22 -1.07 -14.21 -13.04
N ASN B 23 -1.84 -14.23 -11.97
CA ASN B 23 -3.19 -14.80 -12.05
C ASN B 23 -4.27 -13.90 -11.45
N VAL B 24 -3.86 -12.68 -11.06
CA VAL B 24 -4.70 -11.70 -10.42
C VAL B 24 -5.19 -10.63 -11.38
N ASP B 25 -6.51 -10.52 -11.53
CA ASP B 25 -7.05 -9.38 -12.29
C ASP B 25 -7.54 -8.45 -11.24
N LEU B 26 -7.00 -7.23 -11.20
CA LEU B 26 -7.32 -6.22 -10.23
C LEU B 26 -8.13 -5.12 -10.88
N VAL B 27 -9.32 -4.87 -10.33
CA VAL B 27 -10.25 -3.85 -10.79
C VAL B 27 -9.96 -2.60 -9.93
N ILE B 28 -9.61 -1.49 -10.58
CA ILE B 28 -9.35 -0.21 -9.89
C ILE B 28 -10.11 0.91 -10.55
N ASP B 29 -10.39 1.97 -9.81
CA ASP B 29 -11.13 3.12 -10.30
C ASP B 29 -10.16 4.19 -10.74
N LEU B 30 -10.39 4.74 -11.92
CA LEU B 30 -9.50 5.76 -12.47
C LEU B 30 -9.91 7.17 -12.13
N GLN B 31 -11.06 7.36 -11.49
CA GLN B 31 -11.57 8.69 -11.21
C GLN B 31 -11.79 8.92 -9.73
N PHE B 32 -12.96 9.45 -9.33
CA PHE B 32 -13.23 9.69 -7.90
C PHE B 32 -14.20 8.66 -7.30
N GLY B 33 -14.25 7.46 -7.84
CA GLY B 33 -15.14 6.45 -7.31
C GLY B 33 -16.45 6.37 -8.04
N SER B 34 -17.27 5.38 -7.67
CA SER B 34 -18.60 5.07 -8.20
C SER B 34 -18.65 5.07 -9.73
N THR B 35 -17.65 4.44 -10.37
CA THR B 35 -17.52 4.33 -11.82
C THR B 35 -18.16 3.05 -12.36
N GLY B 36 -18.54 2.14 -11.47
CA GLY B 36 -19.17 0.88 -11.84
C GLY B 36 -18.25 -0.30 -11.68
N LYS B 37 -17.40 -0.27 -10.64
CA LYS B 37 -16.48 -1.39 -10.31
C LYS B 37 -17.23 -2.65 -9.92
N GLY B 38 -18.36 -2.50 -9.25
CA GLY B 38 -19.20 -3.63 -8.84
C GLY B 38 -19.73 -4.40 -10.03
N LEU B 39 -20.07 -3.64 -11.08
CA LEU B 39 -20.57 -4.15 -12.33
C LEU B 39 -19.49 -4.88 -13.12
N ILE B 40 -18.31 -4.25 -13.30
CA ILE B 40 -17.27 -4.91 -14.06
C ILE B 40 -16.72 -6.13 -13.29
N ALA B 41 -16.70 -6.06 -11.95
CA ALA B 41 -16.28 -7.14 -11.06
C ALA B 41 -17.19 -8.36 -11.24
N GLY B 42 -18.51 -8.15 -11.18
CA GLY B 42 -19.49 -9.20 -11.36
C GLY B 42 -19.51 -9.73 -12.78
N TYR B 43 -19.39 -8.81 -13.76
CA TYR B 43 -19.35 -9.15 -15.18
C TYR B 43 -18.13 -10.04 -15.46
N LEU B 44 -16.94 -9.61 -15.04
CA LEU B 44 -15.69 -10.37 -15.23
C LEU B 44 -15.69 -11.67 -14.45
N ALA B 45 -16.31 -11.69 -13.26
CA ALA B 45 -16.43 -12.91 -12.44
C ALA B 45 -17.23 -13.97 -13.19
N GLU B 46 -18.30 -13.54 -13.85
CA GLU B 46 -19.16 -14.43 -14.63
C GLU B 46 -18.49 -14.86 -15.93
N LYS B 47 -17.78 -13.94 -16.58
CA LYS B 47 -17.06 -14.22 -17.83
C LYS B 47 -15.79 -15.06 -17.63
N ASN B 48 -15.03 -14.82 -16.57
CA ASN B 48 -13.71 -15.42 -16.37
C ASN B 48 -13.64 -16.57 -15.40
N GLY B 49 -14.68 -16.72 -14.59
CA GLY B 49 -14.81 -17.81 -13.64
C GLY B 49 -13.69 -17.95 -12.63
N TYR B 50 -13.30 -16.83 -12.01
CA TYR B 50 -12.26 -16.84 -10.98
C TYR B 50 -12.68 -17.76 -9.84
N ASP B 51 -11.72 -18.51 -9.30
CA ASP B 51 -12.03 -19.39 -8.16
C ASP B 51 -11.85 -18.58 -6.88
N THR B 52 -11.05 -17.52 -6.96
CA THR B 52 -10.82 -16.63 -5.84
C THR B 52 -11.19 -15.23 -6.16
N VAL B 53 -12.03 -14.66 -5.31
CA VAL B 53 -12.40 -13.24 -5.38
C VAL B 53 -11.93 -12.61 -4.08
N ILE B 54 -11.29 -11.46 -4.19
CA ILE B 54 -10.66 -10.81 -3.05
C ILE B 54 -10.87 -9.32 -3.05
N ASN B 55 -10.92 -8.72 -1.88
CA ASN B 55 -11.00 -7.27 -1.77
C ASN B 55 -10.45 -6.80 -0.45
N ALA B 56 -10.50 -5.52 -0.19
CA ALA B 56 -10.05 -4.90 1.04
C ALA B 56 -10.93 -3.67 1.16
N ASN B 57 -12.25 -3.89 1.25
CA ASN B 57 -13.20 -2.79 1.32
C ASN B 57 -13.33 -2.22 2.69
N MET B 58 -13.72 -0.94 2.72
CA MET B 58 -14.04 -0.19 3.91
C MET B 58 -15.50 0.20 3.69
N PRO B 59 -16.29 0.50 4.75
CA PRO B 59 -17.72 0.76 4.57
C PRO B 59 -18.09 1.99 3.72
N ASN B 60 -17.10 2.84 3.34
CA ASN B 60 -17.31 4.02 2.49
C ASN B 60 -17.70 3.65 1.07
N ALA B 61 -17.47 2.38 0.74
CA ALA B 61 -17.63 1.86 -0.58
C ALA B 61 -18.73 0.82 -0.72
N GLY B 62 -19.80 1.23 -1.42
CA GLY B 62 -20.92 0.40 -1.86
C GLY B 62 -20.60 -0.01 -3.31
N HIS B 63 -20.86 -1.27 -3.67
CA HIS B 63 -20.53 -1.82 -4.98
C HIS B 63 -21.72 -2.63 -5.47
N THR B 64 -22.25 -2.24 -6.63
CA THR B 64 -23.46 -2.84 -7.15
C THR B 64 -23.21 -3.65 -8.38
N TYR B 65 -23.70 -4.89 -8.35
CA TYR B 65 -23.68 -5.75 -9.51
C TYR B 65 -25.10 -6.23 -9.74
N ILE B 66 -25.58 -6.10 -10.99
CA ILE B 66 -26.87 -6.62 -11.40
C ILE B 66 -26.56 -7.57 -12.53
N ASN B 67 -26.99 -8.84 -12.41
CA ASN B 67 -26.73 -9.83 -13.47
C ASN B 67 -27.77 -9.74 -14.60
N ALA B 68 -27.69 -10.64 -15.61
CA ALA B 68 -28.60 -10.70 -16.75
C ALA B 68 -30.04 -10.96 -16.35
N GLU B 69 -30.25 -11.69 -15.23
CA GLU B 69 -31.60 -12.00 -14.76
C GLU B 69 -32.22 -10.91 -13.86
N GLY B 70 -31.47 -9.86 -13.59
CA GLY B 70 -31.94 -8.73 -12.80
C GLY B 70 -31.64 -8.81 -11.31
N ARG B 71 -30.92 -9.87 -10.87
CA ARG B 71 -30.50 -10.06 -9.48
C ARG B 71 -29.44 -9.03 -9.15
N LYS B 72 -29.66 -8.31 -8.05
CA LYS B 72 -28.77 -7.25 -7.61
C LYS B 72 -28.01 -7.64 -6.35
N TRP B 73 -26.74 -7.26 -6.31
CA TRP B 73 -25.86 -7.43 -5.19
C TRP B 73 -25.32 -6.06 -4.92
N MET B 74 -25.65 -5.51 -3.78
CA MET B 74 -25.12 -4.24 -3.30
C MET B 74 -24.27 -4.67 -2.13
N HIS B 75 -22.96 -4.67 -2.35
CA HIS B 75 -21.99 -5.12 -1.38
C HIS B 75 -21.13 -3.97 -0.87
N LYS B 76 -20.86 -4.00 0.44
CA LYS B 76 -19.98 -3.10 1.17
C LYS B 76 -18.83 -3.96 1.71
N VAL B 77 -19.03 -5.28 1.81
CA VAL B 77 -18.04 -6.21 2.40
C VAL B 77 -17.54 -7.22 1.38
N LEU B 78 -18.43 -8.10 0.94
CA LEU B 78 -18.10 -9.16 0.01
C LEU B 78 -17.78 -8.68 -1.36
N PRO B 79 -16.78 -9.30 -2.03
CA PRO B 79 -16.52 -8.95 -3.42
C PRO B 79 -17.78 -9.21 -4.26
N ASN B 80 -17.96 -8.46 -5.35
CA ASN B 80 -19.08 -8.68 -6.27
C ASN B 80 -18.83 -9.91 -7.12
N GLY B 81 -17.56 -10.30 -7.22
CA GLY B 81 -17.09 -11.47 -7.93
C GLY B 81 -17.55 -12.80 -7.37
N ILE B 82 -18.32 -12.81 -6.28
CA ILE B 82 -18.88 -14.02 -5.65
C ILE B 82 -19.89 -14.72 -6.60
N VAL B 83 -20.23 -14.04 -7.70
CA VAL B 83 -21.15 -14.46 -8.77
C VAL B 83 -20.40 -15.34 -9.78
N SER B 84 -19.09 -15.52 -9.57
CA SER B 84 -18.24 -16.34 -10.42
C SER B 84 -18.71 -17.78 -10.36
N PRO B 85 -18.99 -18.40 -11.52
CA PRO B 85 -19.48 -19.80 -11.50
C PRO B 85 -18.50 -20.81 -10.88
N ASN B 86 -17.18 -20.51 -10.88
CA ASN B 86 -16.14 -21.41 -10.33
C ASN B 86 -15.59 -20.95 -8.99
N LEU B 87 -16.37 -20.16 -8.24
CA LEU B 87 -16.00 -19.63 -6.94
C LEU B 87 -15.67 -20.72 -5.90
N LYS B 88 -14.45 -20.63 -5.34
CA LYS B 88 -13.93 -21.53 -4.29
C LYS B 88 -13.59 -20.70 -3.06
N ARG B 89 -13.02 -19.51 -3.24
CA ARG B 89 -12.60 -18.66 -2.14
C ARG B 89 -13.08 -17.26 -2.24
N VAL B 90 -13.53 -16.72 -1.11
CA VAL B 90 -13.95 -15.32 -1.00
C VAL B 90 -12.98 -14.81 0.05
N MET B 91 -12.18 -13.83 -0.30
CA MET B 91 -11.15 -13.34 0.61
C MET B 91 -11.31 -11.85 0.93
N LEU B 92 -11.38 -11.53 2.23
CA LEU B 92 -11.55 -10.19 2.74
C LEU B 92 -10.24 -9.82 3.36
N GLY B 93 -9.46 -9.04 2.59
CA GLY B 93 -8.12 -8.56 2.88
C GLY B 93 -7.95 -7.89 4.21
N ALA B 94 -6.70 -7.75 4.63
CA ALA B 94 -6.32 -7.11 5.88
C ALA B 94 -6.70 -5.64 5.95
N GLY B 95 -6.83 -4.98 4.78
CA GLY B 95 -7.19 -3.58 4.64
C GLY B 95 -8.69 -3.39 4.75
N SER B 96 -9.42 -4.49 4.89
CA SER B 96 -10.88 -4.49 5.04
C SER B 96 -11.28 -3.85 6.33
N VAL B 97 -12.35 -3.08 6.26
CA VAL B 97 -13.00 -2.50 7.41
C VAL B 97 -14.43 -2.91 7.18
N PHE B 98 -14.98 -3.74 8.05
CA PHE B 98 -16.31 -4.25 7.80
C PHE B 98 -17.22 -4.34 9.03
N SER B 99 -18.54 -4.17 8.77
CA SER B 99 -19.56 -4.41 9.75
C SER B 99 -19.87 -5.92 9.67
N ILE B 100 -19.79 -6.62 10.81
CA ILE B 100 -20.09 -8.05 10.88
C ILE B 100 -21.56 -8.26 10.53
N ASN B 101 -22.44 -7.33 10.97
CA ASN B 101 -23.88 -7.35 10.67
C ASN B 101 -24.12 -7.36 9.18
N ARG B 102 -23.42 -6.44 8.47
CA ARG B 102 -23.48 -6.29 7.03
C ARG B 102 -22.92 -7.52 6.34
N LEU B 103 -21.78 -8.04 6.83
CA LEU B 103 -21.16 -9.25 6.32
C LEU B 103 -22.12 -10.44 6.40
N MET B 104 -22.73 -10.62 7.58
CA MET B 104 -23.71 -11.67 7.87
C MET B 104 -24.79 -11.62 6.84
N GLU B 105 -25.39 -10.42 6.66
CA GLU B 105 -26.44 -10.09 5.71
C GLU B 105 -26.06 -10.41 4.29
N GLU B 106 -24.87 -9.97 3.89
CA GLU B 106 -24.31 -10.21 2.56
C GLU B 106 -24.05 -11.65 2.28
N ILE B 107 -23.58 -12.41 3.29
CA ILE B 107 -23.35 -13.84 3.15
C ILE B 107 -24.71 -14.51 2.97
N GLU B 108 -25.66 -14.13 3.82
CA GLU B 108 -27.01 -14.67 3.81
C GLU B 108 -27.70 -14.47 2.46
N MET B 109 -27.58 -13.26 1.92
CA MET B 109 -28.18 -12.86 0.66
C MET B 109 -27.65 -13.67 -0.55
N SER B 110 -26.45 -14.23 -0.42
CA SER B 110 -25.82 -14.98 -1.48
C SER B 110 -25.40 -16.35 -0.97
N LYS B 111 -26.15 -16.91 -0.01
CA LYS B 111 -25.77 -18.20 0.56
C LYS B 111 -25.80 -19.34 -0.50
N ASP B 112 -26.53 -19.13 -1.61
CA ASP B 112 -26.62 -20.06 -2.74
C ASP B 112 -25.27 -20.16 -3.48
N LEU B 113 -24.57 -19.02 -3.57
CA LEU B 113 -23.27 -18.87 -4.21
C LEU B 113 -22.19 -19.23 -3.24
N LEU B 114 -22.43 -18.94 -1.96
CA LEU B 114 -21.51 -19.12 -0.85
C LEU B 114 -21.77 -20.45 -0.19
N HIS B 115 -21.85 -21.50 -1.03
CA HIS B 115 -22.12 -22.87 -0.66
C HIS B 115 -20.96 -23.51 0.13
N ASP B 116 -21.16 -24.77 0.61
CA ASP B 116 -20.21 -25.50 1.44
C ASP B 116 -18.82 -25.66 0.82
N LYS B 117 -18.72 -25.61 -0.52
CA LYS B 117 -17.44 -25.72 -1.23
C LYS B 117 -16.81 -24.34 -1.51
N VAL B 118 -17.36 -23.29 -0.87
CA VAL B 118 -16.85 -21.92 -0.95
C VAL B 118 -16.32 -21.56 0.44
N ALA B 119 -15.05 -21.20 0.50
CA ALA B 119 -14.39 -20.79 1.73
C ALA B 119 -14.35 -19.27 1.76
N ILE B 120 -14.95 -18.69 2.79
CA ILE B 120 -14.90 -17.26 3.05
C ILE B 120 -13.75 -17.08 4.03
N LEU B 121 -12.74 -16.32 3.61
CA LEU B 121 -11.57 -16.06 4.43
C LEU B 121 -11.48 -14.60 4.78
N ILE B 122 -11.60 -14.32 6.05
CA ILE B 122 -11.44 -12.99 6.58
C ILE B 122 -10.02 -12.95 7.10
N HIS B 123 -9.22 -12.00 6.59
CA HIS B 123 -7.84 -11.85 7.02
C HIS B 123 -7.87 -11.59 8.52
N PRO B 124 -6.96 -12.21 9.31
CA PRO B 124 -7.00 -11.99 10.76
C PRO B 124 -6.94 -10.52 11.16
N MET B 125 -6.22 -9.69 10.37
CA MET B 125 -6.08 -8.29 10.72
C MET B 125 -7.09 -7.41 10.03
N ALA B 126 -8.09 -7.99 9.33
CA ALA B 126 -9.20 -7.21 8.78
C ALA B 126 -9.89 -6.51 9.99
N THR B 127 -10.27 -5.25 9.83
CA THR B 127 -10.82 -4.43 10.88
C THR B 127 -12.31 -4.58 11.01
N VAL B 128 -12.75 -4.84 12.24
CA VAL B 128 -14.15 -4.94 12.55
C VAL B 128 -14.64 -3.54 12.90
N LEU B 129 -15.59 -3.06 12.11
CA LEU B 129 -16.22 -1.78 12.31
C LEU B 129 -17.12 -1.81 13.52
N ASP B 130 -16.92 -0.82 14.40
CA ASP B 130 -17.74 -0.54 15.57
C ASP B 130 -18.68 0.55 14.96
N GLU B 131 -19.87 0.13 14.50
CA GLU B 131 -20.84 0.99 13.80
C GLU B 131 -21.15 2.28 14.55
N GLU B 132 -21.40 2.19 15.88
CA GLU B 132 -21.68 3.37 16.71
C GLU B 132 -20.49 4.32 16.81
N ALA B 133 -19.37 3.88 17.44
CA ALA B 133 -18.15 4.66 17.67
C ALA B 133 -17.45 5.17 16.41
N HIS B 134 -17.34 4.35 15.37
CA HIS B 134 -16.63 4.71 14.15
C HIS B 134 -17.41 5.64 13.23
N LYS B 135 -18.77 5.52 13.13
CA LYS B 135 -19.54 6.45 12.29
C LYS B 135 -19.70 7.78 12.99
N LYS B 136 -19.80 7.75 14.36
CA LYS B 136 -19.90 8.94 15.22
C LYS B 136 -18.61 9.74 15.16
N ALA B 137 -17.45 9.04 15.04
CA ALA B 137 -16.14 9.68 14.92
C ALA B 137 -15.99 10.45 13.58
N GLU B 138 -16.76 10.04 12.56
CA GLU B 138 -16.67 10.61 11.21
C GLU B 138 -17.83 11.56 10.82
N VAL B 139 -18.65 11.98 11.79
CA VAL B 139 -19.78 12.91 11.58
C VAL B 139 -19.25 14.26 11.06
N GLY B 140 -18.16 14.72 11.67
CA GLY B 140 -17.50 15.98 11.35
C GLY B 140 -17.02 16.03 9.92
N ILE B 141 -16.22 15.04 9.52
CA ILE B 141 -15.66 14.95 8.17
C ILE B 141 -16.74 14.60 7.13
N ALA B 142 -17.88 14.01 7.58
CA ALA B 142 -19.02 13.71 6.71
C ALA B 142 -19.59 14.99 6.14
N THR B 143 -19.41 16.12 6.86
CA THR B 143 -19.84 17.43 6.37
C THR B 143 -18.60 18.21 5.87
N SER B 144 -17.52 18.31 6.68
CA SER B 144 -16.31 19.06 6.34
C SER B 144 -15.65 18.64 5.01
N ILE B 145 -15.40 17.33 4.81
CA ILE B 145 -14.78 16.87 3.54
C ILE B 145 -15.76 16.08 2.66
N GLY B 146 -17.02 16.04 3.06
CA GLY B 146 -18.06 15.30 2.36
C GLY B 146 -17.82 13.80 2.49
N SER B 147 -17.23 13.38 3.61
CA SER B 147 -16.91 11.98 3.86
C SER B 147 -18.19 11.15 3.90
N THR B 148 -18.08 9.88 3.52
CA THR B 148 -19.21 8.96 3.57
C THR B 148 -19.63 8.75 5.04
N GLY B 149 -18.72 9.14 5.96
CA GLY B 149 -18.86 9.05 7.41
C GLY B 149 -19.21 7.65 7.87
N GLN B 150 -18.64 6.65 7.19
CA GLN B 150 -18.93 5.22 7.40
C GLN B 150 -18.08 4.55 8.47
N GLY B 151 -17.15 5.30 9.05
CA GLY B 151 -16.29 4.79 10.11
C GLY B 151 -15.01 4.14 9.65
N SER B 152 -14.78 4.12 8.33
CA SER B 152 -13.65 3.53 7.61
C SER B 152 -12.31 3.89 8.23
N MET B 153 -12.02 5.19 8.37
CA MET B 153 -10.79 5.74 8.93
C MET B 153 -10.75 5.63 10.47
N ALA B 154 -11.89 5.83 11.15
CA ALA B 154 -11.96 5.72 12.61
C ALA B 154 -11.63 4.29 13.07
N ALA B 155 -12.04 3.29 12.25
CA ALA B 155 -11.79 1.86 12.45
C ALA B 155 -10.33 1.56 12.21
N MET B 156 -9.82 2.09 11.08
CA MET B 156 -8.44 2.03 10.62
C MET B 156 -7.49 2.61 11.69
N VAL B 157 -7.87 3.76 12.29
CA VAL B 157 -7.10 4.47 13.31
C VAL B 157 -7.03 3.64 14.57
N GLU B 158 -8.16 3.05 14.97
CA GLU B 158 -8.23 2.20 16.13
C GLU B 158 -7.29 1.00 15.98
N LYS B 159 -7.22 0.45 14.75
CA LYS B 159 -6.34 -0.65 14.40
C LYS B 159 -4.88 -0.20 14.46
N LEU B 160 -4.59 0.99 13.95
CA LEU B 160 -3.25 1.57 13.93
C LEU B 160 -2.73 1.89 15.32
N GLN B 161 -3.63 2.04 16.30
CA GLN B 161 -3.28 2.35 17.68
C GLN B 161 -2.43 1.26 18.26
N ARG B 162 -2.68 0.00 17.82
CA ARG B 162 -1.95 -1.20 18.21
C ARG B 162 -1.84 -1.32 19.72
N ASP B 163 -2.96 -1.03 20.40
CA ASP B 163 -3.07 -1.15 21.84
C ASP B 163 -3.25 -2.64 22.15
N PRO B 164 -2.29 -3.31 22.84
CA PRO B 164 -2.46 -4.75 23.13
C PRO B 164 -3.70 -5.10 23.94
N THR B 165 -4.23 -4.14 24.70
CA THR B 165 -5.44 -4.35 25.51
C THR B 165 -6.70 -4.29 24.65
N ASN B 166 -6.59 -3.79 23.41
CA ASN B 166 -7.70 -3.71 22.50
C ASN B 166 -7.90 -5.00 21.68
N ASN B 167 -8.81 -5.85 22.17
CA ASN B 167 -9.18 -7.15 21.60
C ASN B 167 -10.44 -7.03 20.74
N THR B 168 -10.87 -5.81 20.42
CA THR B 168 -12.13 -5.59 19.71
C THR B 168 -11.99 -4.98 18.34
N ILE B 169 -10.76 -4.81 17.81
CA ILE B 169 -10.64 -4.14 16.52
C ILE B 169 -10.30 -5.11 15.37
N VAL B 170 -9.35 -6.04 15.54
CA VAL B 170 -9.01 -6.94 14.43
C VAL B 170 -9.86 -8.20 14.47
N ALA B 171 -10.22 -8.71 13.27
CA ALA B 171 -11.03 -9.91 13.06
C ALA B 171 -10.59 -11.10 13.94
N ARG B 172 -9.28 -11.35 14.01
CA ARG B 172 -8.63 -12.38 14.82
C ARG B 172 -9.08 -12.33 16.29
N ASP B 173 -9.14 -11.10 16.86
CA ASP B 173 -9.52 -10.88 18.25
C ASP B 173 -11.00 -10.89 18.47
N VAL B 174 -11.74 -10.26 17.57
CA VAL B 174 -13.19 -10.23 17.57
C VAL B 174 -13.76 -11.66 17.44
N ALA B 175 -13.07 -12.54 16.66
CA ALA B 175 -13.48 -13.93 16.44
C ALA B 175 -13.52 -14.73 17.75
N GLN B 176 -12.74 -14.28 18.72
CA GLN B 176 -12.64 -14.92 20.03
C GLN B 176 -13.90 -14.74 20.90
N TYR B 177 -14.67 -13.67 20.70
CA TYR B 177 -15.91 -13.48 21.47
C TYR B 177 -17.15 -13.38 20.56
N ASP B 178 -16.94 -13.07 19.28
CA ASP B 178 -17.98 -12.97 18.27
C ASP B 178 -17.79 -14.12 17.29
N GLY B 179 -18.51 -15.18 17.55
CA GLY B 179 -18.46 -16.44 16.84
C GLY B 179 -18.97 -16.41 15.43
N ARG B 180 -19.64 -15.34 15.04
CA ARG B 180 -20.20 -15.14 13.71
C ARG B 180 -19.14 -15.14 12.62
N ILE B 181 -17.97 -14.65 12.96
CA ILE B 181 -16.85 -14.55 12.02
C ILE B 181 -15.77 -15.56 12.33
N ALA B 182 -15.84 -16.24 13.49
CA ALA B 182 -14.85 -17.21 13.95
C ALA B 182 -14.45 -18.27 12.89
N GLN B 183 -15.43 -18.84 12.15
CA GLN B 183 -15.19 -19.83 11.08
C GLN B 183 -14.54 -19.17 9.87
N TYR B 184 -14.74 -17.86 9.66
CA TYR B 184 -14.20 -17.16 8.50
C TYR B 184 -12.81 -16.62 8.71
N VAL B 185 -12.49 -16.23 9.95
CA VAL B 185 -11.21 -15.63 10.28
C VAL B 185 -10.12 -16.67 10.16
N CYS B 186 -9.18 -16.41 9.26
CA CYS B 186 -8.08 -17.31 8.99
C CYS B 186 -6.83 -16.78 9.64
N THR B 187 -5.73 -17.49 9.48
CA THR B 187 -4.43 -17.04 9.95
C THR B 187 -3.76 -16.35 8.75
N VAL B 188 -2.64 -15.66 8.97
CA VAL B 188 -1.90 -15.06 7.87
C VAL B 188 -1.38 -16.18 6.91
N GLU B 189 -0.99 -17.34 7.47
CA GLU B 189 -0.53 -18.48 6.68
C GLU B 189 -1.61 -19.00 5.72
N GLU B 190 -2.85 -19.23 6.24
CA GLU B 190 -4.01 -19.67 5.48
C GLU B 190 -4.31 -18.66 4.38
N TRP B 191 -4.15 -17.37 4.69
CA TRP B 191 -4.33 -16.26 3.77
C TRP B 191 -3.41 -16.45 2.57
N ASP B 192 -2.10 -16.57 2.85
CA ASP B 192 -1.06 -16.76 1.84
C ASP B 192 -1.27 -18.03 1.04
N MET B 193 -1.68 -19.11 1.72
CA MET B 193 -1.91 -20.42 1.13
C MET B 193 -3.12 -20.43 0.25
N ALA B 194 -4.14 -19.63 0.62
CA ALA B 194 -5.38 -19.49 -0.15
C ALA B 194 -5.09 -18.79 -1.44
N LEU B 195 -4.17 -17.81 -1.45
CA LEU B 195 -3.73 -17.09 -2.65
C LEU B 195 -2.84 -17.98 -3.49
N MET B 196 -1.98 -18.76 -2.84
CA MET B 196 -1.09 -19.69 -3.52
C MET B 196 -1.87 -20.82 -4.20
N ALA B 197 -2.93 -21.30 -3.55
CA ALA B 197 -3.79 -22.37 -4.04
C ALA B 197 -4.76 -21.90 -5.14
N SER B 198 -5.01 -20.59 -5.24
CA SER B 198 -5.90 -20.01 -6.24
C SER B 198 -5.38 -20.18 -7.65
N GLU B 199 -6.29 -20.42 -8.58
CA GLU B 199 -5.95 -20.58 -9.98
C GLU B 199 -6.03 -19.20 -10.69
N ARG B 200 -7.15 -18.50 -10.54
CA ARG B 200 -7.39 -17.19 -11.16
C ARG B 200 -8.10 -16.32 -10.10
N ILE B 201 -7.52 -15.15 -9.83
CA ILE B 201 -7.99 -14.27 -8.78
C ILE B 201 -8.62 -13.00 -9.30
N LEU B 202 -9.78 -12.62 -8.74
CA LEU B 202 -10.35 -11.31 -9.06
C LEU B 202 -10.16 -10.45 -7.84
N ALA B 203 -9.28 -9.47 -7.94
CA ALA B 203 -9.01 -8.50 -6.87
C ALA B 203 -9.86 -7.27 -7.13
N GLU B 204 -10.67 -6.91 -6.16
CA GLU B 204 -11.56 -5.79 -6.36
C GLU B 204 -11.19 -4.61 -5.53
N GLY B 205 -10.69 -3.57 -6.19
CA GLY B 205 -10.35 -2.32 -5.56
C GLY B 205 -11.63 -1.55 -5.30
N ALA B 206 -11.54 -0.55 -4.42
CA ALA B 206 -12.69 0.25 -4.05
C ALA B 206 -12.31 1.70 -4.24
N GLN B 207 -13.27 2.60 -4.03
CA GLN B 207 -13.11 4.05 -4.11
C GLN B 207 -12.57 4.50 -5.46
N GLY B 208 -11.70 5.48 -5.52
CA GLY B 208 -11.23 5.97 -6.81
C GLY B 208 -9.85 6.54 -6.77
N PHE B 209 -9.16 6.51 -7.91
CA PHE B 209 -7.81 7.04 -8.05
C PHE B 209 -7.64 8.41 -7.40
N SER B 210 -8.48 9.37 -7.80
CA SER B 210 -8.41 10.76 -7.34
C SER B 210 -8.85 10.94 -5.87
N LEU B 211 -9.41 9.89 -5.27
CA LEU B 211 -9.83 9.90 -3.88
C LEU B 211 -8.68 9.50 -3.01
N SER B 212 -7.60 8.94 -3.62
CA SER B 212 -6.39 8.51 -2.93
C SER B 212 -5.96 9.58 -1.98
N LEU B 213 -5.61 9.15 -0.77
CA LEU B 213 -5.13 9.98 0.31
C LEU B 213 -4.00 10.89 -0.18
N ASN B 214 -3.16 10.34 -1.07
CA ASN B 214 -1.97 11.01 -1.55
C ASN B 214 -2.08 11.56 -2.95
N GLN B 215 -3.31 11.73 -3.42
CA GLN B 215 -3.56 12.47 -4.64
C GLN B 215 -3.70 13.94 -4.25
N GLU B 216 -3.91 14.86 -5.20
CA GLU B 216 -3.81 16.30 -4.88
C GLU B 216 -4.99 16.96 -4.13
N PHE B 217 -6.06 16.23 -3.88
CA PHE B 217 -7.23 16.81 -3.26
C PHE B 217 -7.25 16.78 -1.77
N TYR B 218 -6.18 16.27 -1.12
CA TYR B 218 -6.08 16.23 0.34
C TYR B 218 -6.46 17.57 0.98
N PRO B 219 -7.29 17.61 2.03
CA PRO B 219 -7.90 16.49 2.79
C PRO B 219 -9.22 15.94 2.21
N TYR B 220 -9.60 16.42 1.02
CA TYR B 220 -10.82 16.00 0.37
C TYR B 220 -10.52 14.76 -0.41
N CYS B 221 -10.34 13.68 0.34
CA CYS B 221 -9.89 12.38 -0.16
C CYS B 221 -10.27 11.32 0.85
N THR B 222 -9.97 10.07 0.52
CA THR B 222 -10.20 8.93 1.40
C THR B 222 -8.95 8.68 2.28
N SER B 223 -9.04 7.67 3.15
CA SER B 223 -8.04 7.30 4.17
C SER B 223 -6.87 6.44 3.67
N ARG B 224 -6.86 6.11 2.39
CA ARG B 224 -5.77 5.32 1.84
C ARG B 224 -5.59 5.69 0.39
N ASP B 225 -4.59 5.07 -0.26
CA ASP B 225 -4.39 5.28 -1.68
C ASP B 225 -5.24 4.27 -2.38
N CYS B 226 -5.81 4.69 -3.49
CA CYS B 226 -6.70 3.83 -4.26
C CYS B 226 -5.96 3.55 -5.54
N THR B 227 -4.84 2.87 -5.36
CA THR B 227 -3.92 2.54 -6.40
C THR B 227 -3.70 1.06 -6.38
N PRO B 228 -3.37 0.46 -7.55
CA PRO B 228 -3.07 -0.98 -7.59
C PRO B 228 -2.08 -1.44 -6.52
N ALA B 229 -0.97 -0.69 -6.31
CA ALA B 229 0.04 -0.98 -5.30
C ALA B 229 -0.58 -1.07 -3.90
N ARG B 230 -1.40 -0.09 -3.53
CA ARG B 230 -2.10 -0.08 -2.25
C ARG B 230 -3.17 -1.16 -2.13
N PHE B 231 -3.97 -1.41 -3.19
CA PHE B 231 -4.99 -2.44 -3.13
C PHE B 231 -4.39 -3.83 -3.03
N LEU B 232 -3.28 -4.07 -3.73
CA LEU B 232 -2.57 -5.35 -3.65
C LEU B 232 -1.96 -5.51 -2.27
N ALA B 233 -1.42 -4.43 -1.70
CA ALA B 233 -0.88 -4.40 -0.34
C ALA B 233 -1.97 -4.71 0.70
N ASP B 234 -3.14 -4.06 0.55
CA ASP B 234 -4.28 -4.21 1.43
C ASP B 234 -4.96 -5.58 1.37
N MET B 235 -4.71 -6.36 0.29
CA MET B 235 -5.25 -7.70 0.12
C MET B 235 -4.14 -8.72 0.33
N GLY B 236 -2.93 -8.22 0.57
CA GLY B 236 -1.76 -9.04 0.81
C GLY B 236 -1.35 -9.85 -0.38
N ILE B 237 -1.65 -9.32 -1.58
CA ILE B 237 -1.33 -9.97 -2.82
C ILE B 237 0.13 -9.65 -3.17
N PRO B 238 0.99 -10.68 -3.29
CA PRO B 238 2.35 -10.45 -3.77
C PRO B 238 2.29 -9.85 -5.19
N LEU B 239 3.14 -8.85 -5.47
CA LEU B 239 3.18 -8.15 -6.77
C LEU B 239 3.32 -9.08 -7.98
N PRO B 240 4.15 -10.15 -7.96
CA PRO B 240 4.21 -11.07 -9.12
C PRO B 240 2.87 -11.73 -9.49
N MET B 241 1.93 -11.75 -8.55
CA MET B 241 0.62 -12.34 -8.74
C MET B 241 -0.25 -11.52 -9.66
N LEU B 242 0.04 -10.23 -9.80
CA LEU B 242 -0.72 -9.35 -10.65
C LEU B 242 -0.58 -9.73 -12.13
N ASN B 243 -1.72 -10.07 -12.72
CA ASN B 243 -1.80 -10.39 -14.11
C ASN B 243 -2.30 -9.18 -14.92
N LYS B 244 -3.37 -8.54 -14.45
CA LYS B 244 -4.06 -7.53 -15.21
C LYS B 244 -4.72 -6.51 -14.33
N VAL B 245 -4.69 -5.26 -14.76
CA VAL B 245 -5.35 -4.15 -14.07
C VAL B 245 -6.45 -3.65 -15.00
N ILE B 246 -7.71 -3.79 -14.56
CA ILE B 246 -8.85 -3.31 -15.32
C ILE B 246 -9.26 -2.03 -14.64
N GLY B 247 -8.87 -0.90 -15.21
CA GLY B 247 -9.21 0.42 -14.71
C GLY B 247 -10.61 0.79 -15.14
N THR B 248 -11.38 1.42 -14.27
CA THR B 248 -12.75 1.78 -14.57
C THR B 248 -12.91 3.28 -14.61
N ALA B 249 -13.79 3.76 -15.52
CA ALA B 249 -14.03 5.19 -15.62
C ALA B 249 -15.46 5.43 -16.05
N ARG B 250 -15.96 6.61 -15.78
CA ARG B 250 -17.27 7.12 -16.16
C ARG B 250 -17.00 8.17 -17.22
N CYS B 251 -17.98 8.45 -18.07
CA CYS B 251 -17.80 9.49 -19.09
C CYS B 251 -17.83 10.86 -18.45
N HIS B 252 -18.55 10.95 -17.33
CA HIS B 252 -18.65 12.12 -16.50
C HIS B 252 -18.31 11.65 -15.09
N PRO B 253 -17.06 11.86 -14.59
CA PRO B 253 -16.76 11.44 -13.22
C PRO B 253 -17.64 12.14 -12.18
N ILE B 254 -17.84 11.45 -11.09
CA ILE B 254 -18.65 11.96 -9.99
C ILE B 254 -17.77 12.15 -8.76
N ARG B 255 -18.31 12.89 -7.81
CA ARG B 255 -17.82 13.03 -6.46
C ARG B 255 -19.06 12.82 -5.61
N VAL B 256 -18.89 12.62 -4.31
CA VAL B 256 -20.04 12.51 -3.44
C VAL B 256 -20.56 13.93 -3.22
N GLY B 257 -21.76 14.08 -2.70
CA GLY B 257 -22.32 15.39 -2.47
C GLY B 257 -21.65 16.12 -1.34
N GLY B 258 -21.81 17.44 -1.35
CA GLY B 258 -21.26 18.33 -0.33
C GLY B 258 -19.92 18.89 -0.72
N THR B 259 -19.16 19.32 0.29
CA THR B 259 -17.84 19.92 0.12
C THR B 259 -16.84 18.78 0.10
N SER B 260 -16.92 17.97 -0.97
CA SER B 260 -16.16 16.73 -1.20
C SER B 260 -14.83 16.90 -1.96
N GLY B 261 -14.47 18.14 -2.27
CA GLY B 261 -13.22 18.44 -2.93
C GLY B 261 -13.32 19.05 -4.31
N GLY B 262 -12.19 19.56 -4.77
CA GLY B 262 -12.10 20.16 -6.07
C GLY B 262 -12.06 19.16 -7.20
N HIS B 263 -11.80 19.67 -8.37
CA HIS B 263 -11.71 18.87 -9.56
C HIS B 263 -10.42 19.28 -10.28
N TYR B 264 -10.17 18.68 -11.44
CA TYR B 264 -8.99 18.94 -12.23
C TYR B 264 -9.17 20.20 -13.08
N PRO B 265 -8.06 20.85 -13.52
CA PRO B 265 -8.20 22.13 -14.26
C PRO B 265 -8.97 22.05 -15.56
N ASP B 266 -8.99 20.87 -16.20
CA ASP B 266 -9.63 20.59 -17.49
C ASP B 266 -11.04 20.02 -17.36
N GLN B 267 -11.63 20.15 -16.18
CA GLN B 267 -12.97 19.68 -16.02
C GLN B 267 -13.80 20.69 -15.28
N GLU B 268 -15.10 20.63 -15.45
CA GLU B 268 -16.07 21.54 -14.86
C GLU B 268 -17.14 20.72 -14.15
N GLU B 269 -17.72 21.29 -13.09
CA GLU B 269 -18.81 20.64 -12.40
C GLU B 269 -20.06 20.89 -13.21
N LEU B 270 -20.80 19.81 -13.44
CA LEU B 270 -22.04 19.78 -14.18
C LEU B 270 -23.20 19.51 -13.23
N THR B 271 -24.42 19.64 -13.73
CA THR B 271 -25.62 19.31 -12.97
C THR B 271 -26.20 18.08 -13.67
N TRP B 272 -27.03 17.31 -12.95
CA TRP B 272 -27.68 16.12 -13.52
C TRP B 272 -28.68 16.49 -14.61
N GLU B 273 -29.28 17.69 -14.49
CA GLU B 273 -30.20 18.29 -15.44
C GLU B 273 -29.46 18.72 -16.73
N GLN B 274 -28.16 19.12 -16.61
CA GLN B 274 -27.29 19.49 -17.73
C GLN B 274 -27.01 18.24 -18.58
N LEU B 275 -26.96 17.07 -17.93
CA LEU B 275 -26.69 15.77 -18.54
C LEU B 275 -27.94 15.07 -19.06
N GLY B 276 -29.11 15.57 -18.64
CA GLY B 276 -30.41 15.01 -18.97
C GLY B 276 -30.60 13.68 -18.28
N GLN B 277 -29.97 13.55 -17.10
CA GLN B 277 -29.97 12.33 -16.31
C GLN B 277 -30.62 12.53 -14.96
N VAL B 278 -31.18 11.44 -14.42
CA VAL B 278 -31.84 11.42 -13.11
C VAL B 278 -30.72 11.61 -12.07
N PRO B 279 -30.88 12.57 -11.11
CA PRO B 279 -29.80 12.78 -10.12
C PRO B 279 -29.34 11.52 -9.39
N GLU B 280 -28.06 11.20 -9.55
CA GLU B 280 -27.50 10.04 -8.87
C GLU B 280 -27.29 10.35 -7.41
N LEU B 281 -27.67 9.41 -6.54
CA LEU B 281 -27.54 9.60 -5.11
C LEU B 281 -26.59 8.62 -4.47
N THR B 282 -26.19 8.90 -3.23
CA THR B 282 -25.52 7.94 -2.35
C THR B 282 -26.76 7.23 -1.81
N THR B 283 -26.85 5.92 -2.02
CA THR B 283 -28.01 5.09 -1.72
C THR B 283 -28.63 5.31 -0.32
N VAL B 284 -27.84 5.31 0.76
CA VAL B 284 -28.39 5.43 2.11
C VAL B 284 -28.63 6.88 2.54
N THR B 285 -27.65 7.77 2.33
CA THR B 285 -27.79 9.17 2.78
C THR B 285 -28.63 10.01 1.84
N LYS B 286 -28.72 9.56 0.57
CA LYS B 286 -29.43 10.20 -0.52
C LYS B 286 -28.77 11.52 -0.91
N LYS B 287 -27.46 11.74 -0.55
CA LYS B 287 -26.79 12.95 -1.00
C LYS B 287 -26.60 12.83 -2.50
N VAL B 288 -26.90 13.90 -3.20
CA VAL B 288 -26.82 13.98 -4.66
C VAL B 288 -25.35 14.01 -5.03
N ARG B 289 -24.94 13.06 -5.87
CA ARG B 289 -23.58 12.95 -6.37
C ARG B 289 -23.26 14.19 -7.19
N ARG B 290 -22.03 14.68 -7.04
CA ARG B 290 -21.54 15.79 -7.84
C ARG B 290 -21.08 15.17 -9.13
N VAL B 291 -21.28 15.87 -10.23
CA VAL B 291 -20.91 15.31 -11.52
C VAL B 291 -20.05 16.31 -12.28
N PHE B 292 -19.04 15.81 -12.98
CA PHE B 292 -18.07 16.64 -13.67
C PHE B 292 -17.92 16.17 -15.08
N SER B 293 -17.41 17.04 -15.95
CA SER B 293 -17.09 16.66 -17.32
C SER B 293 -15.88 15.70 -17.28
N PHE B 294 -15.63 14.98 -18.35
CA PHE B 294 -14.48 14.07 -18.34
C PHE B 294 -13.18 14.87 -18.18
N SER B 295 -12.25 14.36 -17.39
CA SER B 295 -10.95 15.01 -17.24
C SER B 295 -9.83 14.15 -17.83
N PHE B 296 -9.16 14.69 -18.85
CA PHE B 296 -8.03 14.07 -19.53
C PHE B 296 -6.86 14.06 -18.55
N ILE B 297 -6.66 15.17 -17.79
CA ILE B 297 -5.61 15.33 -16.78
C ILE B 297 -5.77 14.21 -15.78
N GLN B 298 -7.02 14.03 -15.25
CA GLN B 298 -7.33 12.95 -14.29
C GLN B 298 -6.97 11.60 -14.87
N MET B 299 -7.26 11.39 -16.17
CA MET B 299 -6.99 10.17 -16.88
C MET B 299 -5.50 9.92 -17.00
N GLN B 300 -4.69 10.92 -17.35
CA GLN B 300 -3.24 10.77 -17.45
C GLN B 300 -2.66 10.44 -16.09
N LYS B 301 -3.17 11.10 -15.04
CA LYS B 301 -2.76 10.91 -13.66
C LYS B 301 -3.06 9.49 -13.23
N ALA B 302 -4.32 9.04 -13.46
CA ALA B 302 -4.75 7.69 -13.14
C ALA B 302 -4.01 6.65 -13.97
N MET B 303 -3.74 6.95 -15.22
CA MET B 303 -3.02 6.07 -16.14
C MET B 303 -1.59 5.90 -15.72
N TRP B 304 -0.96 7.00 -15.33
CA TRP B 304 0.41 7.00 -14.84
C TRP B 304 0.60 6.08 -13.66
N THR B 305 -0.15 6.25 -12.56
CA THR B 305 0.11 5.39 -11.42
C THR B 305 -0.69 4.09 -11.44
N CYS B 306 -1.90 4.07 -11.99
CA CYS B 306 -2.71 2.85 -11.97
C CYS B 306 -2.33 1.88 -13.02
N GLN B 307 -1.78 2.39 -14.13
CA GLN B 307 -1.30 1.62 -15.26
C GLN B 307 -2.23 0.47 -15.68
N PRO B 308 -3.52 0.74 -15.98
CA PRO B 308 -4.40 -0.37 -16.35
C PRO B 308 -4.04 -0.99 -17.70
N ASP B 309 -4.31 -2.28 -17.82
CA ASP B 309 -4.06 -3.04 -19.03
C ASP B 309 -5.32 -2.90 -19.85
N GLU B 310 -6.46 -2.92 -19.16
CA GLU B 310 -7.79 -2.81 -19.75
C GLU B 310 -8.53 -1.72 -19.07
N VAL B 311 -9.48 -1.11 -19.78
CA VAL B 311 -10.32 -0.04 -19.25
C VAL B 311 -11.76 -0.40 -19.50
N PHE B 312 -12.59 -0.22 -18.46
CA PHE B 312 -14.01 -0.32 -18.53
C PHE B 312 -14.51 1.12 -18.54
N LEU B 313 -15.06 1.57 -19.66
CA LEU B 313 -15.62 2.91 -19.69
C LEU B 313 -17.11 2.81 -19.52
N ASN B 314 -17.57 3.22 -18.37
CA ASN B 314 -18.95 3.12 -17.98
C ASN B 314 -19.71 4.42 -18.11
N PHE B 315 -21.03 4.34 -17.94
CA PHE B 315 -22.00 5.43 -18.02
C PHE B 315 -21.97 6.08 -19.42
N CYS B 316 -21.69 5.24 -20.45
CA CYS B 316 -21.67 5.65 -21.86
C CYS B 316 -23.09 5.99 -22.29
N ASN B 317 -24.08 5.50 -21.53
CA ASN B 317 -25.52 5.74 -21.69
C ASN B 317 -25.92 7.19 -21.41
N TYR B 318 -25.00 8.00 -20.87
CA TYR B 318 -25.20 9.41 -20.53
C TYR B 318 -24.75 10.32 -21.66
N LEU B 319 -24.07 9.73 -22.66
CA LEU B 319 -23.52 10.42 -23.84
C LEU B 319 -24.00 9.76 -25.11
N SER B 320 -23.89 10.51 -26.21
CA SER B 320 -24.21 10.05 -27.57
C SER B 320 -23.01 9.20 -28.04
N PRO B 321 -23.13 8.32 -29.07
CA PRO B 321 -21.96 7.54 -29.50
C PRO B 321 -20.68 8.34 -29.72
N MET B 322 -20.75 9.50 -30.40
CA MET B 322 -19.60 10.37 -30.66
C MET B 322 -18.93 10.84 -29.37
N GLY B 323 -19.74 11.11 -28.35
CA GLY B 323 -19.30 11.54 -27.04
C GLY B 323 -18.50 10.49 -26.30
N TRP B 324 -19.04 9.26 -26.16
CA TRP B 324 -18.32 8.21 -25.45
C TRP B 324 -17.21 7.59 -26.29
N GLN B 325 -17.34 7.61 -27.65
CA GLN B 325 -16.29 7.12 -28.55
C GLN B 325 -15.08 8.05 -28.43
N ASP B 326 -15.35 9.34 -28.20
CA ASP B 326 -14.33 10.34 -28.01
C ASP B 326 -13.58 10.14 -26.71
N ILE B 327 -14.30 9.84 -25.64
CA ILE B 327 -13.70 9.59 -24.33
C ILE B 327 -12.84 8.33 -24.38
N VAL B 328 -13.23 7.32 -25.20
CA VAL B 328 -12.47 6.09 -25.43
C VAL B 328 -11.11 6.44 -26.02
N HIS B 329 -11.10 7.25 -27.10
CA HIS B 329 -9.87 7.69 -27.74
C HIS B 329 -9.01 8.53 -26.79
N GLN B 330 -9.67 9.36 -25.97
CA GLN B 330 -9.03 10.20 -24.95
C GLN B 330 -8.32 9.35 -23.90
N ILE B 331 -9.01 8.30 -23.41
CA ILE B 331 -8.49 7.42 -22.38
C ILE B 331 -7.25 6.68 -22.90
N GLU B 332 -7.31 6.23 -24.15
CA GLU B 332 -6.25 5.44 -24.74
C GLU B 332 -5.02 6.27 -25.07
N VAL B 333 -5.21 7.54 -25.38
CA VAL B 333 -4.07 8.40 -25.64
C VAL B 333 -3.55 8.95 -24.31
N ALA B 334 -4.45 9.14 -23.29
CA ALA B 334 -4.03 9.54 -21.96
C ALA B 334 -3.17 8.42 -21.38
N ALA B 335 -3.51 7.16 -21.71
CA ALA B 335 -2.79 5.94 -21.34
C ALA B 335 -1.42 5.94 -21.99
N GLN B 336 -1.39 5.99 -23.33
CA GLN B 336 -0.19 6.00 -24.16
C GLN B 336 0.82 7.07 -23.71
N SER B 337 0.31 8.26 -23.35
CA SER B 337 1.10 9.40 -22.88
C SER B 337 1.80 9.14 -21.55
N ARG B 338 1.22 8.25 -20.74
CA ARG B 338 1.76 7.91 -19.43
C ARG B 338 2.36 6.51 -19.41
N TYR B 339 2.85 6.06 -20.61
CA TYR B 339 3.53 4.80 -20.91
C TYR B 339 2.67 3.60 -20.60
N CYS B 340 1.37 3.79 -20.71
CA CYS B 340 0.39 2.78 -20.40
C CYS B 340 -0.27 2.25 -21.69
N ASP B 341 -0.23 0.91 -21.89
CA ASP B 341 -0.83 0.29 -23.06
C ASP B 341 -2.31 -0.10 -22.82
N ALA B 342 -3.03 0.69 -22.02
CA ALA B 342 -4.44 0.48 -21.68
C ALA B 342 -5.32 0.48 -22.89
N GLU B 343 -6.17 -0.52 -22.95
CA GLU B 343 -7.12 -0.67 -24.01
C GLU B 343 -8.50 -0.59 -23.37
N VAL B 344 -9.35 0.34 -23.85
CA VAL B 344 -10.74 0.39 -23.40
C VAL B 344 -11.35 -0.87 -24.06
N LYS B 345 -11.51 -1.92 -23.25
CA LYS B 345 -12.00 -3.21 -23.72
C LYS B 345 -13.50 -3.31 -23.47
N TYR B 346 -13.97 -2.65 -22.42
CA TYR B 346 -15.36 -2.74 -22.02
C TYR B 346 -16.03 -1.41 -21.96
N LEU B 347 -17.28 -1.36 -22.41
CA LEU B 347 -18.10 -0.16 -22.39
C LEU B 347 -19.40 -0.44 -21.66
N GLY B 348 -19.80 0.45 -20.76
CA GLY B 348 -21.01 0.30 -19.97
C GLY B 348 -22.09 1.25 -20.38
N PHE B 349 -23.28 0.71 -20.62
CA PHE B 349 -24.45 1.46 -21.08
C PHE B 349 -25.63 1.28 -20.15
N GLY B 350 -25.34 0.83 -18.95
CA GLY B 350 -26.36 0.55 -17.94
C GLY B 350 -25.75 -0.15 -16.76
N PRO B 351 -26.56 -0.43 -15.71
CA PRO B 351 -26.03 -1.02 -14.48
C PRO B 351 -25.94 -2.54 -14.43
N THR B 352 -26.49 -3.23 -15.42
CA THR B 352 -26.54 -4.69 -15.44
C THR B 352 -25.46 -5.32 -16.32
N PHE B 353 -25.30 -6.65 -16.19
CA PHE B 353 -24.40 -7.48 -16.98
C PHE B 353 -24.65 -7.28 -18.49
N ASN B 354 -25.93 -7.17 -18.90
CA ASN B 354 -26.36 -7.00 -20.30
C ASN B 354 -25.92 -5.70 -20.93
N ASP B 355 -25.53 -4.75 -20.09
CA ASP B 355 -25.15 -3.40 -20.46
C ASP B 355 -23.69 -3.20 -20.64
N VAL B 356 -22.93 -4.27 -20.43
CA VAL B 356 -21.50 -4.28 -20.60
C VAL B 356 -21.22 -4.82 -21.97
N GLU B 357 -20.72 -3.92 -22.81
CA GLU B 357 -20.40 -4.21 -24.20
C GLU B 357 -18.91 -4.33 -24.38
N LEU B 358 -18.48 -5.11 -25.37
CA LEU B 358 -17.09 -5.18 -25.72
C LEU B 358 -16.93 -3.96 -26.62
N ARG B 359 -15.93 -3.13 -26.34
CA ARG B 359 -15.69 -1.92 -27.09
C ARG B 359 -15.60 -2.21 -28.61
N GLU B 360 -14.91 -3.31 -29.00
CA GLU B 360 -14.75 -3.76 -30.40
C GLU B 360 -16.09 -4.04 -31.12
N ASP B 361 -17.16 -4.29 -30.36
CA ASP B 361 -18.49 -4.58 -30.86
C ASP B 361 -19.32 -3.33 -31.10
N VAL B 362 -19.04 -2.24 -30.38
CA VAL B 362 -19.83 -1.02 -30.47
C VAL B 362 -19.08 0.15 -31.18
N MET B 363 -17.78 -0.03 -31.47
CA MET B 363 -16.98 0.98 -32.17
C MET B 363 -15.76 0.38 -32.87
PG ATP C . 15.29 -0.28 9.65
O1G ATP C . 14.73 -1.47 10.25
O2G ATP C . 15.12 0.95 10.56
O3G ATP C . 14.60 -0.05 8.34
PB ATP C . 18.01 -0.96 8.50
O1B ATP C . 17.67 -2.30 7.96
O2B ATP C . 18.40 0.03 7.40
O3B ATP C . 16.86 -0.30 9.39
PA ATP C . 20.36 -0.24 10.10
O1A ATP C . 19.93 0.73 11.13
O2A ATP C . 20.92 0.44 8.86
O3A ATP C . 19.17 -1.13 9.57
O5' ATP C . 21.34 -1.38 10.67
C5' ATP C . 21.42 -1.67 12.07
C4' ATP C . 22.81 -1.42 12.60
O4' ATP C . 23.67 -2.51 12.22
C3' ATP C . 23.51 -0.13 12.17
O3' ATP C . 24.12 0.50 13.28
C2' ATP C . 24.49 -0.63 11.09
O2' ATP C . 25.63 0.19 10.88
C1' ATP C . 24.86 -1.99 11.65
N9 ATP C . 25.35 -2.96 10.67
C8 ATP C . 24.89 -3.20 9.40
N7 ATP C . 25.40 -4.26 8.82
C5 ATP C . 26.28 -4.76 9.78
C6 ATP C . 27.07 -5.92 9.81
N6 ATP C . 27.08 -6.86 8.87
N1 ATP C . 27.82 -6.14 10.93
C2 ATP C . 27.75 -5.26 11.94
N3 ATP C . 27.00 -4.15 12.03
C4 ATP C . 26.28 -3.96 10.91
P DGP D . 6.52 1.66 15.80
OP1 DGP D . 5.28 2.05 16.53
OP2 DGP D . 6.33 1.52 14.32
OP3 DGP D . 7.66 2.59 16.06
O5' DGP D . 6.99 0.26 16.26
C5' DGP D . 6.21 -0.91 16.52
C4' DGP D . 7.13 -2.10 16.44
O4' DGP D . 7.82 -2.10 15.18
C3' DGP D . 8.20 -2.17 17.52
O3' DGP D . 8.50 -3.54 17.78
C2' DGP D . 9.39 -1.50 16.83
C1' DGP D . 9.22 -1.98 15.39
N9 DGP D . 9.77 -1.07 14.38
C8 DGP D . 9.12 -0.14 13.61
N7 DGP D . 9.88 0.39 12.67
C5 DGP D . 11.11 -0.22 12.84
C6 DGP D . 12.35 -0.16 12.08
O6 DGP D . 12.55 0.53 11.08
N1 DGP D . 13.31 -1.01 12.58
C2 DGP D . 13.16 -1.86 13.65
N2 DGP D . 14.18 -2.66 13.95
N3 DGP D . 12.04 -1.93 14.36
C4 DGP D . 11.06 -1.11 13.91
MG MG E . 17.10 0.38 12.08
CL CL F . 22.03 -4.18 -9.47
C1 GOL G . 4.42 -11.12 22.71
O1 GOL G . 3.15 -11.74 22.64
C2 GOL G . 4.38 -9.92 23.63
O2 GOL G . 4.33 -10.33 25.00
C3 GOL G . 5.52 -8.96 23.41
O3 GOL G . 6.78 -9.52 23.77
C1 GOL H . 20.25 22.28 -0.31
O1 GOL H . 19.76 21.00 -0.67
C2 GOL H . 21.36 22.16 0.71
O2 GOL H . 22.48 21.49 0.14
C3 GOL H . 21.78 23.53 1.20
O3 GOL H . 22.85 23.41 2.13
PG ATP I . -17.16 2.61 -5.20
O1G ATP I . -15.99 1.68 -5.34
O2G ATP I . -17.89 2.48 -3.92
O3G ATP I . -16.61 3.99 -5.43
PB ATP I . -18.25 1.36 -7.67
O1B ATP I . -18.16 -0.11 -7.27
O2B ATP I . -17.30 1.79 -8.73
O3B ATP I . -18.17 2.31 -6.40
PA ATP I . -21.16 1.23 -7.85
O1A ATP I . -21.32 1.11 -6.39
O2A ATP I . -21.56 -0.01 -8.63
O3A ATP I . -19.69 1.56 -8.29
O5' ATP I . -21.73 2.65 -8.32
C5' ATP I . -22.33 2.95 -9.58
C4' ATP I . -23.81 3.14 -9.35
O4' ATP I . -24.43 3.39 -10.63
C3' ATP I . -24.56 1.93 -8.80
O3' ATP I . -25.78 2.29 -8.15
C2' ATP I . -24.79 1.11 -10.06
O2' ATP I . -25.90 0.22 -10.00
C1' ATP I . -25.08 2.22 -11.08
N9 ATP I . -24.61 1.95 -12.43
C8 ATP I . -23.47 1.30 -12.82
N7 ATP I . -23.18 1.42 -14.08
C5 ATP I . -24.24 2.18 -14.59
C6 ATP I . -24.50 2.71 -15.87
N6 ATP I . -23.69 2.56 -16.91
N1 ATP I . -25.63 3.44 -16.02
C2 ATP I . -26.42 3.64 -14.95
N3 ATP I . -26.26 3.21 -13.70
C4 ATP I . -25.13 2.48 -13.58
P DGP J . -14.34 8.82 3.38
OP1 DGP J . -15.57 8.07 3.67
OP2 DGP J . -13.81 9.57 4.61
OP3 DGP J . -13.23 7.93 2.86
O5' DGP J . -14.58 9.90 2.24
C5' DGP J . -13.78 11.05 1.90
C4' DGP J . -13.96 11.35 0.44
O4' DGP J . -13.73 10.16 -0.33
C3' DGP J . -15.34 11.85 0.01
O3' DGP J . -15.22 12.71 -1.12
C2' DGP J . -16.05 10.55 -0.36
C1' DGP J . -14.91 9.80 -1.03
N9 DGP J . -15.05 8.33 -1.00
C8 DGP J . -14.37 7.40 -0.25
N7 DGP J . -14.65 6.15 -0.59
C5 DGP J . -15.56 6.28 -1.62
C6 DGP J . -16.12 5.30 -2.52
O6 DGP J . -15.97 4.10 -2.47
N1 DGP J . -16.87 5.88 -3.53
C2 DGP J . -17.08 7.22 -3.70
N2 DGP J . -17.83 7.60 -4.74
N3 DGP J . -16.57 8.14 -2.88
C4 DGP J . -15.82 7.61 -1.88
MG MG K . -20.70 3.72 -5.33
C1 GOL L . -24.92 -15.11 -10.87
O1 GOL L . -25.01 -13.94 -11.66
C2 GOL L . -26.18 -15.93 -10.99
O2 GOL L . -26.36 -16.31 -12.36
C3 GOL L . -26.11 -17.15 -10.10
O3 GOL L . -27.42 -17.62 -9.81
C1 GOL M . -24.89 1.81 -28.56
O1 GOL M . -24.04 1.51 -29.66
C2 GOL M . -25.22 0.57 -27.77
O2 GOL M . -24.02 -0.02 -27.28
C3 GOL M . -26.12 0.86 -26.60
O3 GOL M . -26.20 -0.27 -25.75
C1 GOL N . 2.07 -0.98 -18.24
O1 GOL N . 3.12 -0.04 -18.42
C2 GOL N . 0.98 -0.71 -19.24
O2 GOL N . 1.51 -0.87 -20.56
C3 GOL N . -0.23 -1.59 -19.06
O3 GOL N . -1.17 -1.40 -20.13
#